data_5TRZ
#
_entry.id   5TRZ
#
_cell.length_a   46.635
_cell.length_b   88.816
_cell.length_c   110.754
_cell.angle_alpha   90.00
_cell.angle_beta   89.99
_cell.angle_gamma   90.00
#
_symmetry.space_group_name_H-M   'P 1 21 1'
#
loop_
_entity.id
_entity.type
_entity.pdbx_description
1 polymer 'H-2 class I histocompatibility antigen, K-D alpha chain'
2 polymer Beta-2-microglobulin
3 polymer 'Peptide (P9) of Mtb85B (Mycobacterium tuberculosis) YQSGLSIVM'
4 non-polymer GLYCEROL
5 non-polymer 1,2-ETHANEDIOL
6 water water
#
loop_
_entity_poly.entity_id
_entity_poly.type
_entity_poly.pdbx_seq_one_letter_code
_entity_poly.pdbx_strand_id
1 'polypeptide(L)'
;PHSLRYFVTAVSRPGLGEPRFIAVGYVDDTQFVRFDSDADNPRFEPRAPWMEQEGPEYWEEQTQRAKSDEQWFRVSLRTA
QRYYNQSKGGSHTFQRMFGCDVGSDWRLLRGYHQFAYDGRDYIALNEDLKTWTAADTAALITRRKWEQAGDAEYYRAYLE
GECVEWLRRYLELGNETLLRTDSPKAHVTYHPRSQVDVTLRCWALGFYPADITLTWQLNGEDLTQDMELVETRPAGDGTF
QKWAAVVVPLGKEQNYTCHVHHKGLPEPLTLRWKP
;
A,C
2 'polypeptide(L)'
;MIQRTPKIQVYSRHPAENGKSNFLNCYVSGFHPSDIEVDLLKNGERIEKVEHSDLSFSKDWSFYLLYYTEFTPTEKDEYA
CRVNHVTLSQPKIVKWDRDM
;
B,D
3 'polypeptide(L)' YQSGLSIVM P,Q
#
# COMPACT_ATOMS: atom_id res chain seq x y z
N PRO A 1 12.81 -11.77 -2.88
CA PRO A 1 12.79 -13.20 -2.55
C PRO A 1 11.47 -13.62 -1.93
N HIS A 2 11.20 -14.93 -1.93
CA HIS A 2 10.01 -15.45 -1.28
C HIS A 2 10.41 -16.67 -0.48
N SER A 3 9.61 -16.98 0.52
CA SER A 3 9.95 -18.05 1.45
C SER A 3 8.74 -18.91 1.73
N LEU A 4 8.97 -20.20 1.87
CA LEU A 4 7.99 -21.16 2.35
C LEU A 4 8.58 -21.73 3.62
N ARG A 5 7.84 -21.65 4.71
CA ARG A 5 8.37 -22.02 6.02
C ARG A 5 7.33 -22.77 6.82
N TYR A 6 7.80 -23.78 7.55
CA TYR A 6 6.99 -24.55 8.47
C TYR A 6 7.64 -24.45 9.85
N PHE A 7 6.84 -24.09 10.85
CA PHE A 7 7.32 -23.99 12.22
C PHE A 7 6.60 -25.05 13.03
N VAL A 8 7.34 -26.06 13.46
CA VAL A 8 6.81 -27.28 14.04
C VAL A 8 7.26 -27.36 15.49
N THR A 9 6.30 -27.51 16.40
CA THR A 9 6.56 -27.60 17.84
C THR A 9 5.94 -28.89 18.40
N ALA A 10 6.76 -29.71 19.05
CA ALA A 10 6.29 -30.89 19.77
C ALA A 10 6.65 -30.75 21.24
N VAL A 11 5.64 -30.75 22.11
CA VAL A 11 5.83 -30.56 23.54
C VAL A 11 5.18 -31.73 24.27
N SER A 12 5.98 -32.48 25.02
CA SER A 12 5.45 -33.60 25.79
C SER A 12 4.75 -33.13 27.05
N ARG A 13 3.69 -33.84 27.43
CA ARG A 13 2.88 -33.54 28.61
C ARG A 13 2.66 -34.81 29.42
N PRO A 14 3.70 -35.30 30.10
CA PRO A 14 3.61 -36.58 30.81
C PRO A 14 2.47 -36.60 31.83
N GLY A 15 1.68 -37.68 31.78
CA GLY A 15 0.56 -37.84 32.68
C GLY A 15 -0.72 -37.20 32.21
N LEU A 16 -0.68 -36.37 31.17
CA LEU A 16 -1.87 -35.77 30.59
C LEU A 16 -2.17 -36.29 29.21
N GLY A 17 -1.22 -36.93 28.56
CA GLY A 17 -1.45 -37.50 27.26
C GLY A 17 -0.18 -37.44 26.43
N GLU A 18 -0.35 -37.71 25.13
CA GLU A 18 0.74 -37.71 24.18
C GLU A 18 1.25 -36.28 23.98
N PRO A 19 2.48 -36.12 23.49
CA PRO A 19 3.00 -34.77 23.27
C PRO A 19 2.13 -33.96 22.32
N ARG A 20 1.95 -32.70 22.67
CA ARG A 20 1.28 -31.76 21.77
C ARG A 20 2.16 -31.49 20.56
N PHE A 21 1.58 -31.64 19.38
CA PHE A 21 2.27 -31.44 18.11
C PHE A 21 1.58 -30.35 17.33
N ILE A 22 2.31 -29.28 16.99
CA ILE A 22 1.77 -28.14 16.25
C ILE A 22 2.68 -27.85 15.07
N ALA A 23 2.10 -27.74 13.87
CA ALA A 23 2.84 -27.33 12.69
C ALA A 23 2.10 -26.18 12.01
N VAL A 24 2.80 -25.08 11.76
CA VAL A 24 2.23 -23.90 11.13
C VAL A 24 3.03 -23.59 9.86
N GLY A 25 2.32 -23.26 8.79
CA GLY A 25 2.93 -22.97 7.51
C GLY A 25 2.81 -21.49 7.15
N TYR A 26 3.89 -20.93 6.63
CA TYR A 26 3.97 -19.53 6.23
C TYR A 26 4.51 -19.40 4.81
N VAL A 27 3.87 -18.55 4.02
CA VAL A 27 4.45 -18.04 2.78
C VAL A 27 4.81 -16.60 3.03
N ASP A 28 6.09 -16.27 2.94
CA ASP A 28 6.59 -14.94 3.30
C ASP A 28 6.14 -14.69 4.73
N ASP A 29 5.42 -13.61 5.02
CA ASP A 29 4.94 -13.30 6.35
C ASP A 29 3.46 -13.61 6.52
N THR A 30 2.89 -14.41 5.60
CA THR A 30 1.49 -14.79 5.62
C THR A 30 1.35 -16.28 5.90
N GLN A 31 0.46 -16.61 6.83
CA GLN A 31 0.22 -17.99 7.25
C GLN A 31 -0.88 -18.59 6.40
N PHE A 32 -0.61 -19.76 5.82
CA PHE A 32 -1.57 -20.41 4.95
C PHE A 32 -2.09 -21.76 5.45
N VAL A 33 -1.35 -22.48 6.31
CA VAL A 33 -1.80 -23.76 6.83
C VAL A 33 -1.47 -23.88 8.32
N ARG A 34 -2.22 -24.74 9.00
CA ARG A 34 -2.00 -25.09 10.39
C ARG A 34 -2.37 -26.55 10.63
N PHE A 35 -1.57 -27.23 11.47
CA PHE A 35 -1.89 -28.56 12.00
C PHE A 35 -1.70 -28.56 13.51
N ASP A 36 -2.73 -28.95 14.26
CA ASP A 36 -2.63 -29.10 15.71
C ASP A 36 -3.16 -30.46 16.13
N SER A 37 -2.36 -31.19 16.93
CA SER A 37 -2.73 -32.55 17.32
C SER A 37 -3.98 -32.58 18.16
N ASP A 38 -4.23 -31.54 18.95
CA ASP A 38 -5.37 -31.50 19.85
C ASP A 38 -6.64 -30.95 19.22
N ALA A 39 -6.63 -30.69 17.91
CA ALA A 39 -7.85 -30.25 17.23
C ALA A 39 -8.91 -31.35 17.26
N ASP A 40 -10.17 -30.92 17.11
CA ASP A 40 -11.27 -31.88 17.13
C ASP A 40 -11.09 -32.96 16.08
N ASN A 41 -10.68 -32.57 14.89
CA ASN A 41 -10.28 -33.51 13.85
C ASN A 41 -8.90 -33.04 13.41
N PRO A 42 -7.83 -33.77 13.74
CA PRO A 42 -6.49 -33.23 13.48
C PRO A 42 -6.09 -33.46 12.03
N ARG A 43 -5.90 -32.36 11.31
CA ARG A 43 -5.56 -32.37 9.90
C ARG A 43 -4.99 -31.02 9.55
N PHE A 44 -4.19 -30.97 8.49
CA PHE A 44 -3.74 -29.67 8.01
C PHE A 44 -4.94 -28.89 7.52
N GLU A 45 -5.00 -27.62 7.89
CA GLU A 45 -6.14 -26.78 7.55
C GLU A 45 -5.67 -25.51 6.88
N PRO A 46 -6.44 -24.98 5.92
CA PRO A 46 -6.10 -23.69 5.32
C PRO A 46 -6.36 -22.54 6.28
N ARG A 47 -5.39 -21.63 6.39
CA ARG A 47 -5.59 -20.38 7.13
C ARG A 47 -5.39 -19.17 6.24
N ALA A 48 -5.40 -19.36 4.93
CA ALA A 48 -5.43 -18.29 3.95
C ALA A 48 -6.52 -18.59 2.94
N PRO A 49 -7.19 -17.57 2.40
CA PRO A 49 -8.30 -17.83 1.47
C PRO A 49 -7.88 -18.49 0.19
N TRP A 50 -6.69 -18.16 -0.32
CA TRP A 50 -6.21 -18.78 -1.55
C TRP A 50 -5.95 -20.26 -1.39
N MET A 51 -5.95 -20.79 -0.16
CA MET A 51 -5.77 -22.21 0.10
C MET A 51 -7.07 -23.01 0.04
N GLU A 52 -8.24 -22.36 0.02
CA GLU A 52 -9.51 -23.06 -0.05
C GLU A 52 -9.75 -23.78 -1.38
N GLN A 53 -8.91 -23.57 -2.39
CA GLN A 53 -9.20 -24.16 -3.70
C GLN A 53 -8.61 -25.55 -3.86
N GLU A 54 -7.64 -25.93 -3.02
CA GLU A 54 -6.97 -27.21 -3.17
C GLU A 54 -7.93 -28.37 -2.98
N GLY A 55 -7.81 -29.36 -3.85
CA GLY A 55 -8.65 -30.54 -3.85
C GLY A 55 -8.35 -31.49 -2.71
N PRO A 56 -9.22 -32.47 -2.51
CA PRO A 56 -9.04 -33.40 -1.38
C PRO A 56 -7.71 -34.12 -1.38
N GLU A 57 -7.08 -34.32 -2.55
CA GLU A 57 -5.79 -35.00 -2.57
C GLU A 57 -4.74 -34.21 -1.80
N TYR A 58 -4.81 -32.89 -1.84
CA TYR A 58 -3.75 -32.08 -1.23
C TYR A 58 -3.83 -32.16 0.29
N TRP A 59 -5.03 -31.97 0.85
CA TRP A 59 -5.18 -31.88 2.30
C TRP A 59 -4.88 -33.21 2.98
N GLU A 60 -5.32 -34.32 2.38
CA GLU A 60 -5.07 -35.63 2.97
C GLU A 60 -3.59 -35.96 2.97
N GLU A 61 -2.87 -35.62 1.89
CA GLU A 61 -1.44 -35.88 1.84
C GLU A 61 -0.70 -35.05 2.88
N GLN A 62 -1.10 -33.78 3.05
CA GLN A 62 -0.48 -32.94 4.07
C GLN A 62 -0.73 -33.50 5.46
N THR A 63 -1.98 -33.91 5.71
CA THR A 63 -2.32 -34.49 7.02
C THR A 63 -1.54 -35.77 7.26
N GLN A 64 -1.41 -36.61 6.23
CA GLN A 64 -0.67 -37.87 6.37
C GLN A 64 0.80 -37.60 6.70
N ARG A 65 1.43 -36.69 5.97
CA ARG A 65 2.81 -36.31 6.26
C ARG A 65 2.93 -35.68 7.64
N ALA A 66 1.92 -34.93 8.06
CA ALA A 66 1.94 -34.39 9.43
C ALA A 66 1.83 -35.48 10.48
N LYS A 67 0.92 -36.46 10.28
CA LYS A 67 0.75 -37.54 11.24
C LYS A 67 2.01 -38.40 11.35
N SER A 68 2.71 -38.63 10.24
CA SER A 68 3.98 -39.34 10.32
C SER A 68 5.00 -38.54 11.12
N ASP A 69 5.10 -37.24 10.86
CA ASP A 69 6.04 -36.40 11.60
C ASP A 69 5.65 -36.31 13.07
N GLU A 70 4.36 -36.34 13.38
CA GLU A 70 3.96 -36.36 14.78
C GLU A 70 4.51 -37.58 15.50
N GLN A 71 4.41 -38.76 14.88
CA GLN A 71 4.96 -39.96 15.48
C GLN A 71 6.47 -39.88 15.58
N TRP A 72 7.11 -39.25 14.59
CA TRP A 72 8.55 -39.03 14.62
C TRP A 72 8.96 -38.24 15.86
N PHE A 73 8.21 -37.17 16.17
CA PHE A 73 8.52 -36.35 17.34
C PHE A 73 8.20 -37.07 18.64
N ARG A 74 7.17 -37.91 18.65
CA ARG A 74 6.90 -38.70 19.85
C ARG A 74 8.07 -39.59 20.20
N VAL A 75 8.68 -40.25 19.20
CA VAL A 75 9.85 -41.07 19.44
C VAL A 75 11.05 -40.20 19.81
N SER A 76 11.30 -39.15 19.03
CA SER A 76 12.50 -38.34 19.22
C SER A 76 12.48 -37.63 20.58
N LEU A 77 11.31 -37.22 21.03
CA LEU A 77 11.22 -36.68 22.39
C LEU A 77 11.62 -37.72 23.43
N ARG A 78 11.09 -38.94 23.28
CA ARG A 78 11.44 -40.01 24.22
C ARG A 78 12.93 -40.31 24.17
N THR A 79 13.49 -40.42 22.96
CA THR A 79 14.92 -40.65 22.84
C THR A 79 15.71 -39.52 23.49
N ALA A 80 15.30 -38.28 23.26
CA ALA A 80 15.98 -37.14 23.84
C ALA A 80 15.82 -37.11 25.35
N GLN A 81 14.64 -37.48 25.85
CA GLN A 81 14.45 -37.58 27.29
C GLN A 81 15.26 -38.70 27.91
N ARG A 82 15.67 -39.69 27.11
CA ARG A 82 16.45 -40.81 27.63
C ARG A 82 17.95 -40.57 27.56
N TYR A 83 18.44 -39.94 26.48
CA TYR A 83 19.87 -39.69 26.39
C TYR A 83 20.34 -38.75 27.49
N TYR A 84 19.60 -37.69 27.74
CA TYR A 84 19.94 -36.72 28.76
C TYR A 84 19.64 -37.22 30.16
N ASN A 85 19.02 -38.39 30.30
CA ASN A 85 18.65 -38.96 31.61
C ASN A 85 17.70 -38.05 32.37
N GLN A 86 16.85 -37.34 31.62
CA GLN A 86 15.84 -36.47 32.21
C GLN A 86 14.71 -37.29 32.81
N SER A 87 14.06 -36.72 33.82
CA SER A 87 12.91 -37.39 34.43
C SER A 87 11.80 -37.56 33.42
N LYS A 88 11.14 -38.72 33.46
CA LYS A 88 10.04 -38.99 32.52
C LYS A 88 8.89 -38.01 32.72
N GLY A 89 8.68 -37.55 33.96
CA GLY A 89 7.61 -36.61 34.23
C GLY A 89 7.81 -35.25 33.59
N GLY A 90 9.06 -34.85 33.37
CA GLY A 90 9.32 -33.50 32.90
C GLY A 90 8.79 -33.27 31.49
N SER A 91 8.12 -32.14 31.29
CA SER A 91 7.71 -31.72 29.97
C SER A 91 8.88 -31.11 29.20
N HIS A 92 9.01 -31.48 27.94
CA HIS A 92 10.11 -30.99 27.12
C HIS A 92 9.61 -30.65 25.72
N THR A 93 10.30 -29.73 25.06
CA THR A 93 9.88 -29.21 23.77
C THR A 93 10.90 -29.55 22.71
N PHE A 94 10.41 -30.04 21.58
CA PHE A 94 11.21 -30.24 20.38
C PHE A 94 10.65 -29.30 19.34
N GLN A 95 11.52 -28.52 18.73
CA GLN A 95 11.11 -27.58 17.70
C GLN A 95 11.86 -27.88 16.43
N ARG A 96 11.17 -27.75 15.31
CA ARG A 96 11.75 -27.95 14.00
C ARG A 96 11.27 -26.82 13.10
N MET A 97 12.21 -26.20 12.40
CA MET A 97 11.90 -25.19 11.40
C MET A 97 12.51 -25.63 10.08
N PHE A 98 11.70 -25.75 9.04
CA PHE A 98 12.22 -26.12 7.74
C PHE A 98 11.47 -25.38 6.65
N GLY A 99 12.15 -25.18 5.52
CA GLY A 99 11.55 -24.49 4.41
C GLY A 99 12.60 -24.14 3.36
N CYS A 100 12.18 -23.30 2.42
CA CYS A 100 13.03 -22.87 1.32
C CYS A 100 12.77 -21.41 1.01
N ASP A 101 13.79 -20.75 0.46
CA ASP A 101 13.73 -19.37 -0.01
C ASP A 101 14.03 -19.39 -1.50
N VAL A 102 13.20 -18.71 -2.31
CA VAL A 102 13.45 -18.64 -3.74
C VAL A 102 13.80 -17.20 -4.10
N GLY A 103 14.65 -17.04 -5.12
CA GLY A 103 15.11 -15.74 -5.54
C GLY A 103 14.21 -15.05 -6.56
N SER A 104 14.77 -13.96 -7.12
CA SER A 104 14.13 -13.24 -8.23
C SER A 104 13.66 -14.21 -9.32
N ASP A 105 14.54 -15.10 -9.78
CA ASP A 105 14.19 -16.08 -10.80
C ASP A 105 13.17 -17.09 -10.30
N TRP A 106 12.91 -17.11 -8.98
CA TRP A 106 11.97 -18.03 -8.34
C TRP A 106 12.56 -19.43 -8.25
N ARG A 107 13.90 -19.49 -8.18
CA ARG A 107 14.66 -20.71 -7.97
C ARG A 107 15.33 -20.65 -6.60
N LEU A 108 15.53 -21.83 -6.01
CA LEU A 108 15.93 -21.94 -4.60
C LEU A 108 17.14 -21.05 -4.29
N LEU A 109 17.04 -20.31 -3.19
CA LEU A 109 18.11 -19.50 -2.62
C LEU A 109 18.77 -20.17 -1.43
N ARG A 110 17.98 -20.68 -0.50
CA ARG A 110 18.46 -21.40 0.68
C ARG A 110 17.40 -22.39 1.12
N GLY A 111 17.87 -23.51 1.65
CA GLY A 111 17.00 -24.53 2.22
C GLY A 111 17.31 -24.65 3.70
N TYR A 112 16.27 -24.82 4.50
CA TYR A 112 16.40 -24.86 5.95
C TYR A 112 15.89 -26.18 6.50
N HIS A 113 16.68 -26.80 7.37
CA HIS A 113 16.21 -27.94 8.16
C HIS A 113 16.92 -27.92 9.51
N GLN A 114 16.22 -27.46 10.56
CA GLN A 114 16.85 -27.19 11.85
C GLN A 114 15.97 -27.64 13.00
N PHE A 115 16.62 -28.06 14.09
CA PHE A 115 15.94 -28.58 15.27
C PHE A 115 16.48 -27.91 16.53
N ALA A 116 15.58 -27.70 17.50
CA ALA A 116 15.94 -27.22 18.83
C ALA A 116 15.27 -28.07 19.89
N TYR A 117 16.03 -28.45 20.91
CA TYR A 117 15.51 -29.19 22.05
C TYR A 117 15.55 -28.31 23.29
N ASP A 118 14.39 -28.15 23.94
CA ASP A 118 14.27 -27.33 25.15
C ASP A 118 14.72 -25.90 24.90
N GLY A 119 14.39 -25.37 23.71
CA GLY A 119 14.66 -23.99 23.35
C GLY A 119 16.07 -23.67 22.92
N ARG A 120 16.96 -24.66 22.85
CA ARG A 120 18.33 -24.45 22.43
C ARG A 120 18.62 -25.23 21.14
N ASP A 121 19.53 -24.68 20.34
CA ASP A 121 19.97 -25.35 19.12
C ASP A 121 20.37 -26.80 19.39
N TYR A 122 19.92 -27.69 18.50
CA TYR A 122 20.33 -29.10 18.53
C TYR A 122 21.11 -29.46 17.28
N ILE A 123 20.45 -29.56 16.12
CA ILE A 123 21.10 -29.91 14.86
C ILE A 123 20.51 -29.04 13.76
N ALA A 124 21.36 -28.61 12.82
CA ALA A 124 20.90 -27.79 11.73
C ALA A 124 21.57 -28.22 10.44
N LEU A 125 20.80 -28.25 9.36
CA LEU A 125 21.35 -28.51 8.04
C LEU A 125 22.02 -27.25 7.51
N ASN A 126 23.23 -27.39 6.98
CA ASN A 126 23.95 -26.24 6.46
C ASN A 126 23.37 -25.80 5.11
N GLU A 127 23.79 -24.60 4.68
CA GLU A 127 23.30 -24.03 3.42
C GLU A 127 23.66 -24.90 2.22
N ASP A 128 24.73 -25.68 2.34
CA ASP A 128 25.15 -26.59 1.28
C ASP A 128 24.13 -27.69 1.02
N LEU A 129 23.33 -28.01 2.05
CA LEU A 129 22.34 -29.08 2.03
C LEU A 129 22.99 -30.44 2.09
N LYS A 130 24.27 -30.47 2.45
CA LYS A 130 25.03 -31.72 2.56
C LYS A 130 25.56 -31.99 3.95
N THR A 131 25.73 -30.97 4.79
CA THR A 131 26.36 -31.14 6.09
C THR A 131 25.46 -30.58 7.17
N TRP A 132 25.71 -31.02 8.40
CA TRP A 132 24.92 -30.67 9.57
C TRP A 132 25.79 -29.88 10.54
N THR A 133 25.17 -29.01 11.31
CA THR A 133 25.86 -28.32 12.39
C THR A 133 25.30 -28.83 13.71
N ALA A 134 26.18 -29.33 14.57
CA ALA A 134 25.80 -29.90 15.86
C ALA A 134 26.09 -28.89 16.95
N ALA A 135 25.10 -28.64 17.81
CA ALA A 135 25.27 -27.71 18.92
C ALA A 135 25.98 -28.35 20.11
N ASP A 136 25.68 -29.61 20.41
CA ASP A 136 26.20 -30.26 21.62
C ASP A 136 26.64 -31.68 21.30
N THR A 137 27.02 -32.41 22.36
CA THR A 137 27.48 -33.79 22.22
C THR A 137 26.37 -34.70 21.69
N ALA A 138 25.14 -34.47 22.12
CA ALA A 138 24.03 -35.29 21.64
C ALA A 138 23.85 -35.14 20.14
N ALA A 139 23.92 -33.90 19.64
CA ALA A 139 23.77 -33.67 18.21
C ALA A 139 24.92 -34.26 17.39
N LEU A 140 26.11 -34.37 17.98
CA LEU A 140 27.23 -34.98 17.25
C LEU A 140 26.98 -36.45 16.95
N ILE A 141 26.26 -37.15 17.84
CA ILE A 141 25.84 -38.51 17.55
C ILE A 141 24.75 -38.51 16.48
N THR A 142 23.76 -37.63 16.62
CA THR A 142 22.75 -37.45 15.59
C THR A 142 23.40 -37.08 14.27
N ARG A 143 24.41 -36.22 14.32
CA ARG A 143 25.15 -35.85 13.11
C ARG A 143 25.80 -37.08 12.48
N ARG A 144 26.45 -37.91 13.30
CA ARG A 144 27.08 -39.12 12.76
C ARG A 144 26.05 -40.13 12.27
N LYS A 145 24.98 -40.32 13.03
CA LYS A 145 23.90 -41.20 12.59
C LYS A 145 23.27 -40.71 11.29
N TRP A 146 22.94 -39.42 11.22
CA TRP A 146 22.30 -38.90 10.02
C TRP A 146 23.26 -38.81 8.84
N GLU A 147 24.56 -38.63 9.11
CA GLU A 147 25.56 -38.66 8.05
C GLU A 147 25.64 -40.04 7.40
N GLN A 148 25.75 -41.09 8.21
CA GLN A 148 25.86 -42.43 7.63
C GLN A 148 24.58 -42.81 6.88
N ALA A 149 23.41 -42.52 7.48
CA ALA A 149 22.15 -42.87 6.87
C ALA A 149 21.88 -42.08 5.58
N GLY A 150 22.51 -40.92 5.42
CA GLY A 150 22.26 -40.08 4.27
C GLY A 150 21.02 -39.22 4.33
N ASP A 151 20.62 -38.77 5.53
CA ASP A 151 19.42 -37.97 5.67
C ASP A 151 19.50 -36.66 4.90
N ALA A 152 20.70 -36.08 4.80
CA ALA A 152 20.83 -34.79 4.13
C ALA A 152 20.33 -34.84 2.69
N GLU A 153 20.59 -35.95 1.99
CA GLU A 153 20.10 -36.09 0.63
C GLU A 153 18.59 -36.21 0.59
N TYR A 154 18.01 -36.87 1.60
CA TYR A 154 16.55 -36.99 1.68
C TYR A 154 15.92 -35.60 1.85
N TYR A 155 16.52 -34.76 2.69
CA TYR A 155 16.00 -33.40 2.87
C TYR A 155 16.35 -32.51 1.67
N ARG A 156 17.55 -32.65 1.12
CA ARG A 156 17.91 -31.83 -0.04
C ARG A 156 16.92 -32.02 -1.17
N ALA A 157 16.49 -33.27 -1.39
CA ALA A 157 15.56 -33.56 -2.48
C ALA A 157 14.24 -32.81 -2.28
N TYR A 158 13.77 -32.70 -1.05
CA TYR A 158 12.55 -31.93 -0.80
C TYR A 158 12.81 -30.44 -0.95
N LEU A 159 13.81 -29.91 -0.25
CA LEU A 159 14.10 -28.47 -0.28
C LEU A 159 14.35 -27.99 -1.71
N GLU A 160 15.13 -28.75 -2.48
CA GLU A 160 15.41 -28.38 -3.87
C GLU A 160 14.26 -28.71 -4.82
N GLY A 161 13.35 -29.61 -4.46
CA GLY A 161 12.28 -29.97 -5.37
C GLY A 161 10.87 -29.61 -4.95
N GLU A 162 10.26 -30.44 -4.10
CA GLU A 162 8.86 -30.23 -3.73
C GLU A 162 8.66 -28.87 -3.07
N CYS A 163 9.63 -28.46 -2.24
CA CYS A 163 9.49 -27.19 -1.53
C CYS A 163 9.39 -26.02 -2.50
N VAL A 164 10.31 -25.96 -3.47
CA VAL A 164 10.31 -24.84 -4.40
C VAL A 164 9.10 -24.90 -5.31
N GLU A 165 8.77 -26.10 -5.80
CA GLU A 165 7.62 -26.25 -6.70
C GLU A 165 6.33 -25.81 -6.01
N TRP A 166 6.15 -26.21 -4.75
CA TRP A 166 4.95 -25.79 -4.02
C TRP A 166 5.04 -24.34 -3.55
N LEU A 167 6.25 -23.84 -3.29
CA LEU A 167 6.39 -22.42 -3.01
C LEU A 167 5.97 -21.60 -4.23
N ARG A 168 6.48 -21.96 -5.40
CA ARG A 168 6.07 -21.28 -6.63
C ARG A 168 4.57 -21.38 -6.85
N ARG A 169 3.99 -22.55 -6.52
CA ARG A 169 2.56 -22.73 -6.68
C ARG A 169 1.76 -21.85 -5.74
N TYR A 170 2.20 -21.75 -4.48
CA TYR A 170 1.49 -20.92 -3.50
C TYR A 170 1.50 -19.46 -3.94
N LEU A 171 2.63 -19.01 -4.49
CA LEU A 171 2.72 -17.65 -5.02
C LEU A 171 1.76 -17.45 -6.18
N GLU A 172 1.56 -18.49 -7.00
CA GLU A 172 0.59 -18.41 -8.08
C GLU A 172 -0.84 -18.33 -7.53
N LEU A 173 -1.16 -19.16 -6.55
CA LEU A 173 -2.53 -19.22 -6.05
C LEU A 173 -2.93 -17.93 -5.33
N GLY A 174 -2.04 -17.38 -4.51
CA GLY A 174 -2.33 -16.18 -3.74
C GLY A 174 -1.66 -14.94 -4.27
N ASN A 175 -1.41 -14.92 -5.59
CA ASN A 175 -0.60 -13.85 -6.18
C ASN A 175 -1.16 -12.47 -5.88
N GLU A 176 -2.47 -12.30 -6.04
CA GLU A 176 -3.08 -10.99 -5.87
C GLU A 176 -2.91 -10.42 -4.46
N THR A 177 -2.69 -11.27 -3.45
CA THR A 177 -2.46 -10.79 -2.10
C THR A 177 -1.02 -10.92 -1.65
N LEU A 178 -0.36 -12.04 -1.95
CA LEU A 178 1.01 -12.25 -1.49
C LEU A 178 1.97 -11.26 -2.13
N LEU A 179 1.77 -10.94 -3.41
CA LEU A 179 2.64 -9.98 -4.10
C LEU A 179 2.30 -8.52 -3.81
N ARG A 180 1.19 -8.24 -3.13
CA ARG A 180 0.92 -6.86 -2.74
C ARG A 180 1.91 -6.40 -1.70
N THR A 181 2.16 -5.09 -1.71
CA THR A 181 2.87 -4.40 -0.64
C THR A 181 1.93 -3.37 -0.05
N ASP A 182 1.98 -3.22 1.27
CA ASP A 182 1.30 -2.13 1.97
C ASP A 182 2.38 -1.19 2.51
N SER A 183 2.44 0.02 1.96
CA SER A 183 3.40 1.02 2.42
C SER A 183 3.10 1.37 3.88
N PRO A 184 4.13 1.55 4.72
CA PRO A 184 3.86 1.92 6.11
C PRO A 184 3.26 3.31 6.18
N LYS A 185 2.28 3.47 7.05
CA LYS A 185 1.75 4.78 7.40
C LYS A 185 2.59 5.29 8.56
N ALA A 186 3.48 6.24 8.28
CA ALA A 186 4.48 6.62 9.26
C ALA A 186 4.21 8.04 9.77
N HIS A 187 4.38 8.22 11.07
CA HIS A 187 4.30 9.54 11.68
C HIS A 187 5.15 9.57 12.95
N VAL A 188 5.49 10.79 13.37
CA VAL A 188 6.27 11.03 14.59
C VAL A 188 5.34 11.64 15.63
N THR A 189 5.37 11.11 16.84
CA THR A 189 4.59 11.61 17.96
C THR A 189 5.53 12.24 19.00
N TYR A 190 5.04 13.29 19.64
CA TYR A 190 5.80 14.08 20.59
C TYR A 190 5.20 13.94 21.97
N HIS A 191 5.96 13.37 22.90
CA HIS A 191 5.51 13.22 24.28
C HIS A 191 6.54 13.85 25.21
N PRO A 192 6.18 14.89 25.98
CA PRO A 192 7.18 15.54 26.82
C PRO A 192 7.43 14.79 28.12
N ARG A 193 8.49 13.98 28.17
CA ARG A 193 8.71 13.14 29.34
C ARG A 193 8.90 14.00 30.59
N SER A 194 9.62 15.10 30.46
CA SER A 194 9.86 16.02 31.54
C SER A 194 9.71 17.44 31.00
N GLN A 195 10.22 18.40 31.76
CA GLN A 195 10.46 19.77 31.33
C GLN A 195 11.90 19.96 30.86
N VAL A 196 12.72 18.93 30.98
CA VAL A 196 14.09 18.98 30.53
C VAL A 196 14.21 18.28 29.18
N ASP A 197 13.38 17.25 28.98
CA ASP A 197 13.47 16.45 27.76
C ASP A 197 12.09 16.14 27.23
N VAL A 198 12.05 15.66 25.99
CA VAL A 198 10.83 15.23 25.33
C VAL A 198 11.11 13.90 24.64
N THR A 199 10.09 13.05 24.55
CA THR A 199 10.18 11.79 23.84
C THR A 199 9.53 11.93 22.46
N LEU A 200 10.30 11.64 21.42
CA LEU A 200 9.81 11.58 20.06
C LEU A 200 9.70 10.11 19.68
N ARG A 201 8.51 9.70 19.26
CA ARG A 201 8.24 8.32 18.89
C ARG A 201 7.86 8.29 17.41
N CYS A 202 8.61 7.54 16.61
CA CYS A 202 8.36 7.39 15.19
C CYS A 202 7.59 6.11 14.92
N TRP A 203 6.43 6.24 14.27
CA TRP A 203 5.51 5.14 14.05
C TRP A 203 5.61 4.62 12.62
N ALA A 204 5.49 3.30 12.46
CA ALA A 204 5.24 2.69 11.16
C ALA A 204 4.05 1.76 11.29
N LEU A 205 3.00 2.02 10.52
CA LEU A 205 1.74 1.30 10.70
C LEU A 205 1.24 0.72 9.38
N GLY A 206 0.43 -0.35 9.51
CA GLY A 206 -0.27 -0.97 8.40
C GLY A 206 0.57 -1.38 7.21
N PHE A 207 1.72 -2.01 7.44
CA PHE A 207 2.62 -2.36 6.36
C PHE A 207 2.75 -3.87 6.19
N TYR A 208 2.88 -4.29 4.94
CA TYR A 208 3.23 -5.66 4.57
C TYR A 208 4.16 -5.58 3.37
N PRO A 209 5.25 -6.37 3.35
CA PRO A 209 5.69 -7.40 4.31
C PRO A 209 6.18 -6.83 5.64
N ALA A 210 6.50 -7.74 6.57
CA ALA A 210 6.89 -7.35 7.93
C ALA A 210 8.23 -6.64 7.97
N ASP A 211 9.15 -7.00 7.08
CA ASP A 211 10.49 -6.40 7.12
C ASP A 211 10.40 -4.90 6.87
N ILE A 212 11.07 -4.13 7.74
CA ILE A 212 11.10 -2.68 7.65
C ILE A 212 12.37 -2.21 8.33
N THR A 213 12.80 -1.00 8.00
CA THR A 213 13.92 -0.35 8.66
C THR A 213 13.45 0.98 9.22
N LEU A 214 13.57 1.14 10.54
CA LEU A 214 13.25 2.38 11.25
C LEU A 214 14.54 2.84 11.92
N THR A 215 15.00 4.04 11.56
CA THR A 215 16.25 4.55 12.13
C THR A 215 16.12 6.04 12.42
N TRP A 216 16.69 6.46 13.54
CA TRP A 216 16.67 7.86 13.95
C TRP A 216 18.01 8.47 13.55
N GLN A 217 17.97 9.51 12.74
CA GLN A 217 19.15 10.17 12.20
C GLN A 217 19.23 11.56 12.81
N LEU A 218 19.79 11.62 14.01
CA LEU A 218 20.06 12.86 14.72
C LEU A 218 21.11 13.69 13.99
N ASN A 219 20.90 15.02 13.97
CA ASN A 219 21.83 15.94 13.35
C ASN A 219 22.03 15.59 11.88
N GLY A 220 23.18 15.05 11.54
CA GLY A 220 23.49 14.76 10.15
C GLY A 220 22.91 13.44 9.70
N GLU A 221 23.69 12.67 8.95
CA GLU A 221 23.32 11.31 8.58
C GLU A 221 23.85 10.29 9.57
N ASP A 222 23.91 10.65 10.85
CA ASP A 222 24.40 9.75 11.89
C ASP A 222 23.21 9.11 12.59
N LEU A 223 23.14 7.78 12.53
CA LEU A 223 22.12 7.01 13.25
C LEU A 223 22.28 7.22 14.74
N THR A 224 21.52 6.50 15.56
CA THR A 224 21.57 6.72 17.00
C THR A 224 21.92 5.46 17.77
N GLN A 225 22.75 5.68 18.80
CA GLN A 225 23.26 4.65 19.68
C GLN A 225 22.23 4.22 20.72
N ASP A 226 21.45 5.18 21.23
CA ASP A 226 20.45 4.96 22.26
C ASP A 226 19.06 5.26 21.69
N MET A 227 18.40 4.23 21.17
CA MET A 227 17.06 4.34 20.59
C MET A 227 16.25 3.13 21.01
N GLU A 228 15.01 3.35 21.45
CA GLU A 228 14.14 2.23 21.81
C GLU A 228 13.35 1.81 20.58
N LEU A 229 13.51 0.55 20.20
CA LEU A 229 12.84 -0.05 19.05
C LEU A 229 12.03 -1.23 19.56
N VAL A 230 10.74 -1.20 19.34
CA VAL A 230 9.91 -2.34 19.76
C VAL A 230 9.92 -3.37 18.63
N GLU A 231 9.68 -4.62 19.02
CA GLU A 231 9.62 -5.70 18.07
C GLU A 231 8.48 -5.46 17.08
N THR A 232 8.73 -5.80 15.81
CA THR A 232 7.66 -5.68 14.82
C THR A 232 6.51 -6.58 15.25
N ARG A 233 5.30 -6.02 15.23
CA ARG A 233 4.13 -6.69 15.76
C ARG A 233 3.02 -6.78 14.72
N PRO A 234 2.22 -7.85 14.74
CA PRO A 234 1.11 -7.98 13.79
C PRO A 234 -0.08 -7.13 14.25
N ALA A 235 -0.68 -6.41 13.29
CA ALA A 235 -1.92 -5.70 13.56
C ALA A 235 -3.11 -6.64 13.66
N GLY A 236 -3.02 -7.83 13.09
CA GLY A 236 -4.12 -8.77 13.09
C GLY A 236 -4.94 -8.76 11.81
N ASP A 237 -4.65 -7.83 10.90
CA ASP A 237 -5.30 -7.75 9.60
C ASP A 237 -4.37 -8.17 8.46
N GLY A 238 -3.23 -8.77 8.78
CA GLY A 238 -2.22 -9.11 7.81
C GLY A 238 -1.13 -8.09 7.63
N THR A 239 -1.20 -6.97 8.34
CA THR A 239 -0.18 -5.93 8.30
C THR A 239 0.51 -5.84 9.66
N PHE A 240 1.64 -5.15 9.68
CA PHE A 240 2.50 -5.07 10.84
C PHE A 240 2.71 -3.63 11.26
N GLN A 241 3.08 -3.46 12.54
CA GLN A 241 3.40 -2.16 13.11
C GLN A 241 4.73 -2.22 13.84
N LYS A 242 5.46 -1.10 13.80
CA LYS A 242 6.70 -0.96 14.54
C LYS A 242 6.89 0.50 14.89
N TRP A 243 7.58 0.78 16.01
CA TRP A 243 7.93 2.16 16.34
C TRP A 243 9.29 2.23 17.00
N ALA A 244 9.93 3.40 16.84
CA ALA A 244 11.23 3.73 17.41
C ALA A 244 11.13 5.03 18.19
N ALA A 245 11.71 5.07 19.38
CA ALA A 245 11.62 6.24 20.25
C ALA A 245 12.99 6.70 20.71
N VAL A 246 13.14 8.02 20.84
CA VAL A 246 14.33 8.66 21.39
C VAL A 246 13.88 9.76 22.35
N VAL A 247 14.72 10.03 23.35
CA VAL A 247 14.49 11.09 24.32
C VAL A 247 15.47 12.22 24.03
N VAL A 248 14.94 13.41 23.77
CA VAL A 248 15.73 14.53 23.25
C VAL A 248 15.43 15.77 24.08
N PRO A 249 16.34 16.73 24.12
CA PRO A 249 16.08 17.95 24.89
C PRO A 249 14.94 18.77 24.32
N LEU A 250 14.19 19.42 25.21
CA LEU A 250 13.11 20.28 24.76
C LEU A 250 13.68 21.44 23.97
N GLY A 251 13.04 21.75 22.84
CA GLY A 251 13.54 22.76 21.94
C GLY A 251 14.53 22.27 20.92
N LYS A 252 14.95 21.00 21.01
CA LYS A 252 15.89 20.43 20.05
C LYS A 252 15.20 19.37 19.18
N GLU A 253 13.87 19.35 19.17
CA GLU A 253 13.13 18.33 18.42
C GLU A 253 13.43 18.40 16.93
N GLN A 254 13.71 19.59 16.40
CA GLN A 254 13.87 19.77 14.97
C GLN A 254 15.22 19.27 14.46
N ASN A 255 16.17 18.94 15.33
CA ASN A 255 17.42 18.31 14.89
C ASN A 255 17.22 16.85 14.48
N TYR A 256 16.28 16.16 15.10
CA TYR A 256 16.08 14.73 14.89
C TYR A 256 15.19 14.41 13.70
N THR A 257 15.58 13.40 12.93
CA THR A 257 14.80 12.91 11.79
C THR A 257 14.60 11.41 11.88
N CYS A 258 13.42 10.95 11.49
CA CYS A 258 13.11 9.52 11.46
C CYS A 258 13.10 9.03 10.03
N HIS A 259 13.77 7.91 9.78
CA HIS A 259 13.87 7.33 8.45
C HIS A 259 13.21 5.95 8.41
N VAL A 260 12.43 5.72 7.36
CA VAL A 260 11.69 4.48 7.15
C VAL A 260 12.09 3.88 5.80
N HIS A 261 12.55 2.64 5.82
CA HIS A 261 12.87 1.88 4.61
C HIS A 261 11.94 0.68 4.50
N HIS A 262 11.34 0.48 3.33
CA HIS A 262 10.40 -0.62 3.14
C HIS A 262 10.37 -1.05 1.67
N LYS A 263 9.87 -2.26 1.43
CA LYS A 263 9.70 -2.75 0.07
C LYS A 263 8.68 -1.92 -0.69
N GLY A 264 7.67 -1.40 0.03
CA GLY A 264 6.67 -0.55 -0.58
C GLY A 264 7.19 0.83 -0.96
N LEU A 265 8.26 1.28 -0.30
CA LEU A 265 8.76 2.63 -0.50
C LEU A 265 9.91 2.62 -1.50
N PRO A 266 9.73 3.15 -2.72
CA PRO A 266 10.88 3.24 -3.63
C PRO A 266 11.96 4.12 -3.06
N GLU A 267 11.57 5.18 -2.37
CA GLU A 267 12.47 6.05 -1.65
C GLU A 267 12.14 6.00 -0.16
N PRO A 268 13.14 6.05 0.71
CA PRO A 268 12.86 6.02 2.15
C PRO A 268 12.16 7.28 2.59
N LEU A 269 11.30 7.15 3.59
CA LEU A 269 10.66 8.30 4.22
C LEU A 269 11.65 9.03 5.11
N THR A 270 11.56 10.36 5.13
CA THR A 270 12.29 11.19 6.10
C THR A 270 11.27 12.06 6.84
N LEU A 271 11.17 11.87 8.15
CA LEU A 271 10.14 12.53 8.95
C LEU A 271 10.78 13.37 10.05
N ARG A 272 10.17 14.52 10.32
CA ARG A 272 10.60 15.42 11.38
C ARG A 272 9.40 15.92 12.16
N TRP A 273 9.67 16.31 13.41
CA TRP A 273 8.64 16.86 14.29
C TRP A 273 8.60 18.38 14.21
N LYS A 274 7.37 18.94 14.19
CA LYS A 274 7.15 20.38 14.22
C LYS A 274 5.98 20.68 15.15
N PRO A 275 6.20 21.37 16.30
CA PRO A 275 5.14 21.58 17.30
C PRO A 275 4.33 22.85 17.12
N MET B 1 17.54 -26.41 29.88
CA MET B 1 16.24 -25.77 30.06
C MET B 1 16.41 -24.25 30.09
N ILE B 2 16.36 -23.62 28.92
CA ILE B 2 16.38 -22.17 28.86
C ILE B 2 15.05 -21.62 29.34
N GLN B 3 15.09 -20.48 30.02
CA GLN B 3 13.88 -19.79 30.45
C GLN B 3 13.92 -18.36 29.96
N ARG B 4 12.95 -17.98 29.12
CA ARG B 4 12.84 -16.63 28.59
C ARG B 4 11.49 -16.06 28.99
N THR B 5 11.51 -14.88 29.62
CA THR B 5 10.27 -14.23 30.01
C THR B 5 9.63 -13.55 28.80
N PRO B 6 8.30 -13.42 28.78
CA PRO B 6 7.66 -12.90 27.58
C PRO B 6 7.65 -11.38 27.55
N LYS B 7 7.95 -10.84 26.37
CA LYS B 7 7.67 -9.44 26.08
C LYS B 7 6.17 -9.27 25.85
N ILE B 8 5.60 -8.19 26.35
CA ILE B 8 4.17 -7.95 26.27
C ILE B 8 3.91 -6.59 25.65
N GLN B 9 3.13 -6.57 24.57
CA GLN B 9 2.74 -5.34 23.89
C GLN B 9 1.22 -5.33 23.80
N VAL B 10 0.60 -4.29 24.34
CA VAL B 10 -0.86 -4.10 24.27
C VAL B 10 -1.12 -2.89 23.37
N TYR B 11 -1.87 -3.09 22.30
CA TYR B 11 -2.03 -2.06 21.29
C TYR B 11 -3.30 -2.36 20.51
N SER B 12 -3.71 -1.39 19.70
CA SER B 12 -4.88 -1.53 18.86
C SER B 12 -4.45 -1.75 17.41
N ARG B 13 -5.29 -2.47 16.66
CA ARG B 13 -5.02 -2.72 15.25
C ARG B 13 -4.98 -1.43 14.43
N HIS B 14 -5.94 -0.55 14.65
CA HIS B 14 -6.03 0.72 13.94
C HIS B 14 -5.97 1.85 14.96
N PRO B 15 -5.68 3.07 14.52
CA PRO B 15 -5.67 4.20 15.47
C PRO B 15 -6.99 4.27 16.22
N ALA B 16 -6.89 4.35 17.54
CA ALA B 16 -8.08 4.27 18.38
C ALA B 16 -8.88 5.56 18.29
N GLU B 17 -10.17 5.42 17.98
CA GLU B 17 -11.10 6.54 17.97
C GLU B 17 -12.36 6.11 18.70
N ASN B 18 -12.84 6.96 19.60
CA ASN B 18 -13.98 6.60 20.43
C ASN B 18 -15.22 6.30 19.58
N GLY B 19 -15.91 5.21 19.94
CA GLY B 19 -17.13 4.79 19.28
C GLY B 19 -16.95 4.04 17.98
N LYS B 20 -15.72 3.83 17.52
CA LYS B 20 -15.48 3.08 16.29
C LYS B 20 -14.96 1.70 16.67
N SER B 21 -15.57 0.66 16.13
CA SER B 21 -15.17 -0.69 16.49
C SER B 21 -13.77 -0.97 15.97
N ASN B 22 -12.99 -1.66 16.79
CA ASN B 22 -11.58 -1.88 16.52
C ASN B 22 -11.17 -3.19 17.16
N PHE B 23 -9.88 -3.51 17.08
CA PHE B 23 -9.33 -4.71 17.69
C PHE B 23 -8.31 -4.36 18.76
N LEU B 24 -8.48 -4.92 19.95
CA LEU B 24 -7.51 -4.81 21.03
C LEU B 24 -6.55 -5.99 20.92
N ASN B 25 -5.25 -5.69 20.86
CA ASN B 25 -4.21 -6.69 20.65
C ASN B 25 -3.28 -6.78 21.84
N CYS B 26 -3.03 -8.01 22.31
CA CYS B 26 -1.95 -8.31 23.23
C CYS B 26 -0.99 -9.27 22.53
N TYR B 27 0.24 -8.85 22.30
CA TYR B 27 1.23 -9.63 21.58
C TYR B 27 2.33 -10.06 22.55
N VAL B 28 2.44 -11.37 22.79
CA VAL B 28 3.47 -11.93 23.66
C VAL B 28 4.49 -12.66 22.79
N SER B 29 5.77 -12.38 23.01
CA SER B 29 6.81 -12.94 22.16
C SER B 29 8.10 -13.08 22.95
N GLY B 30 9.05 -13.80 22.36
CA GLY B 30 10.35 -13.98 22.94
C GLY B 30 10.40 -14.78 24.22
N PHE B 31 9.48 -15.73 24.41
CA PHE B 31 9.38 -16.48 25.65
C PHE B 31 9.63 -17.96 25.41
N HIS B 32 10.23 -18.61 26.41
CA HIS B 32 10.37 -20.06 26.40
C HIS B 32 10.24 -20.53 27.84
N PRO B 33 9.49 -21.61 28.09
CA PRO B 33 8.73 -22.51 27.20
C PRO B 33 7.44 -21.92 26.64
N SER B 34 6.79 -22.69 25.78
CA SER B 34 5.59 -22.25 25.07
C SER B 34 4.40 -21.99 25.99
N ASP B 35 4.33 -22.69 27.11
CA ASP B 35 3.16 -22.57 27.98
C ASP B 35 3.04 -21.15 28.54
N ILE B 36 1.89 -20.53 28.30
CA ILE B 36 1.66 -19.15 28.71
C ILE B 36 0.16 -18.93 28.91
N GLU B 37 -0.16 -18.04 29.84
CA GLU B 37 -1.54 -17.66 30.14
C GLU B 37 -1.70 -16.19 29.79
N VAL B 38 -2.61 -15.89 28.87
CA VAL B 38 -2.86 -14.53 28.42
C VAL B 38 -4.34 -14.24 28.52
N ASP B 39 -4.68 -13.13 29.17
CA ASP B 39 -6.07 -12.71 29.28
C ASP B 39 -6.17 -11.24 28.92
N LEU B 40 -7.32 -10.87 28.36
CA LEU B 40 -7.60 -9.49 27.99
C LEU B 40 -8.64 -9.00 29.00
N LEU B 41 -8.38 -7.82 29.57
CA LEU B 41 -9.19 -7.31 30.68
C LEU B 41 -9.85 -6.01 30.25
N LYS B 42 -11.15 -5.90 30.50
CA LYS B 42 -11.89 -4.64 30.34
C LYS B 42 -12.37 -4.20 31.71
N ASN B 43 -11.83 -3.07 32.19
CA ASN B 43 -12.17 -2.54 33.50
C ASN B 43 -11.94 -3.58 34.59
N GLY B 44 -10.91 -4.40 34.42
CA GLY B 44 -10.54 -5.39 35.41
C GLY B 44 -11.18 -6.74 35.23
N GLU B 45 -12.21 -6.86 34.40
CA GLU B 45 -12.83 -8.15 34.16
C GLU B 45 -12.40 -8.70 32.81
N ARG B 46 -12.82 -9.94 32.54
CA ARG B 46 -12.20 -10.75 31.51
C ARG B 46 -13.09 -10.77 30.28
N ILE B 47 -12.53 -10.41 29.12
CA ILE B 47 -13.29 -10.40 27.88
C ILE B 47 -13.41 -11.83 27.36
N GLU B 48 -14.65 -12.25 27.09
CA GLU B 48 -14.90 -13.57 26.53
C GLU B 48 -14.65 -13.58 25.02
N LYS B 49 -14.40 -14.78 24.50
CA LYS B 49 -14.27 -15.02 23.06
C LYS B 49 -13.06 -14.30 22.47
N VAL B 50 -11.94 -14.35 23.17
CA VAL B 50 -10.68 -13.79 22.70
C VAL B 50 -9.93 -14.86 21.91
N GLU B 51 -9.79 -14.66 20.60
CA GLU B 51 -9.06 -15.59 19.75
C GLU B 51 -7.55 -15.40 19.92
N HIS B 52 -6.80 -16.44 19.56
CA HIS B 52 -5.35 -16.34 19.54
C HIS B 52 -4.80 -17.09 18.33
N SER B 53 -3.62 -16.66 17.89
CA SER B 53 -2.94 -17.24 16.73
C SER B 53 -2.36 -18.62 17.04
N ASP B 54 -2.06 -19.35 15.97
CA ASP B 54 -1.36 -20.63 16.10
C ASP B 54 0.07 -20.41 16.55
N LEU B 55 0.52 -21.28 17.46
CA LEU B 55 1.84 -21.13 18.06
C LEU B 55 2.94 -21.18 17.02
N SER B 56 3.87 -20.24 17.10
CA SER B 56 5.00 -20.19 16.18
C SER B 56 6.18 -19.62 16.96
N PHE B 57 7.36 -19.70 16.36
CA PHE B 57 8.56 -19.22 17.04
C PHE B 57 9.43 -18.40 16.10
N SER B 58 10.27 -17.58 16.70
CA SER B 58 11.18 -16.71 15.97
C SER B 58 12.37 -17.54 15.48
N LYS B 59 13.35 -16.89 14.88
CA LYS B 59 14.55 -17.60 14.45
C LYS B 59 15.34 -18.13 15.63
N ASP B 60 15.31 -17.42 16.76
CA ASP B 60 16.03 -17.82 17.96
C ASP B 60 15.28 -18.87 18.78
N TRP B 61 14.16 -19.37 18.26
CA TRP B 61 13.34 -20.47 18.78
C TRP B 61 12.35 -19.97 19.83
N SER B 62 12.36 -18.69 20.15
CA SER B 62 11.44 -18.17 21.15
C SER B 62 10.06 -17.97 20.54
N PHE B 63 9.04 -18.41 21.27
CA PHE B 63 7.68 -18.44 20.76
C PHE B 63 7.06 -17.04 20.72
N TYR B 64 6.08 -16.88 19.83
CA TYR B 64 5.26 -15.68 19.78
C TYR B 64 3.81 -16.06 19.54
N LEU B 65 2.91 -15.31 20.18
CA LEU B 65 1.47 -15.49 20.01
C LEU B 65 0.81 -14.12 19.94
N LEU B 66 -0.29 -14.05 19.20
CA LEU B 66 -1.10 -12.84 19.13
C LEU B 66 -2.48 -13.15 19.70
N TYR B 67 -2.90 -12.37 20.68
CA TYR B 67 -4.23 -12.48 21.26
C TYR B 67 -5.01 -11.24 20.89
N TYR B 68 -6.22 -11.44 20.36
CA TYR B 68 -7.00 -10.34 19.82
C TYR B 68 -8.48 -10.49 20.14
N THR B 69 -9.13 -9.36 20.34
CA THR B 69 -10.57 -9.28 20.48
C THR B 69 -11.04 -7.98 19.84
N GLU B 70 -12.32 -7.94 19.47
CA GLU B 70 -12.93 -6.73 18.95
C GLU B 70 -13.40 -5.87 20.13
N PHE B 71 -13.03 -4.60 20.12
CA PHE B 71 -13.45 -3.69 21.17
C PHE B 71 -13.76 -2.33 20.58
N THR B 72 -14.50 -1.53 21.34
CA THR B 72 -14.76 -0.14 20.96
C THR B 72 -14.07 0.77 21.97
N PRO B 73 -13.04 1.51 21.56
CA PRO B 73 -12.35 2.41 22.51
C PRO B 73 -13.27 3.55 22.93
N THR B 74 -13.20 3.89 24.21
CA THR B 74 -13.90 5.07 24.73
C THR B 74 -13.02 5.73 25.79
N GLU B 75 -13.51 6.85 26.33
CA GLU B 75 -12.74 7.61 27.30
C GLU B 75 -12.74 6.97 28.69
N LYS B 76 -13.81 6.26 29.04
CA LYS B 76 -14.00 5.77 30.40
C LYS B 76 -13.64 4.30 30.59
N ASP B 77 -13.60 3.51 29.51
CA ASP B 77 -13.25 2.09 29.65
C ASP B 77 -11.74 1.91 29.59
N GLU B 78 -11.21 1.13 30.53
CA GLU B 78 -9.78 0.89 30.66
C GLU B 78 -9.45 -0.57 30.32
N TYR B 79 -8.50 -0.76 29.40
CA TYR B 79 -8.15 -2.07 28.88
C TYR B 79 -6.73 -2.45 29.27
N ALA B 80 -6.53 -3.73 29.63
CA ALA B 80 -5.22 -4.23 29.99
C ALA B 80 -5.08 -5.67 29.52
N CYS B 81 -3.84 -6.15 29.49
CA CYS B 81 -3.51 -7.55 29.24
C CYS B 81 -2.83 -8.14 30.46
N ARG B 82 -3.32 -9.29 30.94
CA ARG B 82 -2.71 -10.00 32.06
C ARG B 82 -2.06 -11.29 31.55
N VAL B 83 -0.77 -11.46 31.82
CA VAL B 83 0.03 -12.57 31.34
C VAL B 83 0.71 -13.28 32.51
N ASN B 84 0.66 -14.60 32.50
CA ASN B 84 1.39 -15.40 33.48
C ASN B 84 2.23 -16.43 32.73
N HIS B 85 3.48 -16.56 33.16
CA HIS B 85 4.46 -17.46 32.55
C HIS B 85 5.27 -18.08 33.68
N VAL B 86 5.95 -19.19 33.38
CA VAL B 86 6.79 -19.82 34.40
C VAL B 86 7.85 -18.85 34.92
N THR B 87 8.32 -17.94 34.09
CA THR B 87 9.34 -16.96 34.50
C THR B 87 8.80 -15.94 35.49
N LEU B 88 7.51 -15.59 35.41
CA LEU B 88 6.92 -14.58 36.29
C LEU B 88 6.46 -15.20 37.61
N SER B 89 6.85 -14.56 38.73
CA SER B 89 6.40 -15.00 40.04
C SER B 89 4.89 -14.83 40.18
N GLN B 90 4.35 -13.74 39.66
CA GLN B 90 2.93 -13.45 39.65
C GLN B 90 2.55 -12.95 38.28
N PRO B 91 1.25 -12.98 37.93
CA PRO B 91 0.84 -12.48 36.62
C PRO B 91 1.19 -11.01 36.44
N LYS B 92 1.62 -10.67 35.23
CA LYS B 92 1.95 -9.30 34.85
C LYS B 92 0.76 -8.69 34.14
N ILE B 93 0.32 -7.52 34.60
CA ILE B 93 -0.80 -6.81 34.00
C ILE B 93 -0.27 -5.58 33.28
N VAL B 94 -0.46 -5.54 31.96
CA VAL B 94 -0.01 -4.42 31.14
C VAL B 94 -1.23 -3.68 30.61
N LYS B 95 -1.36 -2.41 30.99
CA LYS B 95 -2.46 -1.59 30.51
C LYS B 95 -2.22 -1.18 29.06
N TRP B 96 -3.32 -0.94 28.35
CA TRP B 96 -3.25 -0.50 26.96
C TRP B 96 -3.05 1.00 26.89
N ASP B 97 -2.00 1.42 26.18
CA ASP B 97 -1.72 2.82 25.90
C ASP B 97 -1.91 3.08 24.42
N ARG B 98 -2.73 4.07 24.09
CA ARG B 98 -3.03 4.31 22.69
C ARG B 98 -1.91 5.04 21.96
N ASP B 99 -0.91 5.55 22.70
CA ASP B 99 0.29 6.12 22.11
C ASP B 99 1.47 5.18 22.23
N MET B 100 1.21 3.88 22.37
CA MET B 100 2.29 2.89 22.51
C MET B 100 1.90 1.56 21.86
N TYR C 1 4.23 -30.07 3.44
CA TYR C 1 4.86 -30.60 4.65
C TYR C 1 5.77 -31.78 4.33
N GLN C 2 6.80 -31.99 5.15
CA GLN C 2 7.68 -33.15 5.03
C GLN C 2 7.92 -33.80 6.38
N SER C 3 7.75 -35.12 6.43
CA SER C 3 7.99 -35.92 7.61
C SER C 3 9.48 -36.21 7.79
N GLY C 4 9.87 -36.48 9.03
CA GLY C 4 11.24 -36.83 9.32
C GLY C 4 11.61 -38.22 8.83
N LEU C 5 12.91 -38.42 8.62
CA LEU C 5 13.40 -39.74 8.23
C LEU C 5 14.07 -40.42 9.42
N SER C 6 15.40 -40.35 9.51
CA SER C 6 16.11 -40.96 10.64
C SER C 6 15.69 -40.28 11.95
N ILE C 7 15.64 -41.08 13.02
CA ILE C 7 15.37 -40.54 14.34
C ILE C 7 16.64 -39.87 14.88
N VAL C 8 16.46 -39.06 15.93
CA VAL C 8 17.58 -38.29 16.49
C VAL C 8 18.74 -39.21 16.87
N MET C 9 18.44 -40.37 17.43
CA MET C 9 19.45 -41.37 17.75
C MET C 9 18.90 -42.77 17.52
N PRO D 1 11.38 9.25 -9.68
CA PRO D 1 11.22 10.67 -9.99
C PRO D 1 9.95 11.28 -9.39
N HIS D 2 9.94 12.61 -9.29
CA HIS D 2 8.79 13.35 -8.79
C HIS D 2 8.55 14.56 -9.69
N SER D 3 7.32 15.07 -9.67
CA SER D 3 6.93 16.13 -10.57
C SER D 3 6.14 17.20 -9.83
N LEU D 4 6.36 18.45 -10.24
CA LEU D 4 5.56 19.60 -9.82
C LEU D 4 4.93 20.21 -11.05
N ARG D 5 3.60 20.37 -11.02
CA ARG D 5 2.85 20.82 -12.18
C ARG D 5 1.76 21.82 -11.79
N TYR D 6 1.57 22.82 -12.65
CA TYR D 6 0.50 23.80 -12.53
C TYR D 6 -0.32 23.76 -13.82
N PHE D 7 -1.64 23.64 -13.68
CA PHE D 7 -2.56 23.59 -14.82
C PHE D 7 -3.45 24.82 -14.78
N VAL D 8 -3.27 25.71 -15.76
CA VAL D 8 -3.90 27.02 -15.77
C VAL D 8 -4.88 27.08 -16.92
N THR D 9 -6.12 27.43 -16.61
CA THR D 9 -7.20 27.55 -17.59
C THR D 9 -7.77 28.95 -17.51
N ALA D 10 -7.78 29.66 -18.65
CA ALA D 10 -8.39 30.97 -18.77
C ALA D 10 -9.48 30.89 -19.84
N VAL D 11 -10.72 31.20 -19.46
CA VAL D 11 -11.86 31.12 -20.36
C VAL D 11 -12.56 32.47 -20.38
N SER D 12 -12.61 33.09 -21.56
CA SER D 12 -13.30 34.36 -21.68
C SER D 12 -14.80 34.12 -21.73
N ARG D 13 -15.55 35.04 -21.14
CA ARG D 13 -17.00 34.96 -21.11
C ARG D 13 -17.58 36.30 -21.54
N PRO D 14 -17.48 36.62 -22.83
CA PRO D 14 -17.93 37.95 -23.29
C PRO D 14 -19.39 38.19 -22.94
N GLY D 15 -19.66 39.34 -22.32
CA GLY D 15 -21.01 39.67 -21.94
C GLY D 15 -21.43 39.10 -20.61
N LEU D 16 -20.66 38.20 -20.02
CA LEU D 16 -20.97 37.65 -18.72
C LEU D 16 -20.01 38.06 -17.62
N GLY D 17 -18.84 38.57 -17.98
CA GLY D 17 -17.90 39.07 -17.00
C GLY D 17 -16.48 38.86 -17.48
N GLU D 18 -15.54 39.05 -16.56
CA GLU D 18 -14.13 38.89 -16.87
C GLU D 18 -13.83 37.41 -17.09
N PRO D 19 -12.74 37.08 -17.79
CA PRO D 19 -12.41 35.67 -18.00
C PRO D 19 -12.23 34.93 -16.69
N ARG D 20 -12.77 33.72 -16.63
CA ARG D 20 -12.51 32.84 -15.51
C ARG D 20 -11.05 32.39 -15.54
N PHE D 21 -10.37 32.54 -14.42
CA PHE D 21 -8.97 32.14 -14.30
C PHE D 21 -8.85 31.10 -13.20
N ILE D 22 -8.35 29.92 -13.57
CA ILE D 22 -8.20 28.80 -12.64
C ILE D 22 -6.78 28.26 -12.75
N ALA D 23 -6.11 28.11 -11.60
CA ALA D 23 -4.80 27.47 -11.56
C ALA D 23 -4.80 26.39 -10.48
N VAL D 24 -4.43 25.17 -10.86
CA VAL D 24 -4.36 24.04 -9.93
C VAL D 24 -2.93 23.51 -9.94
N GLY D 25 -2.43 23.21 -8.76
CA GLY D 25 -1.07 22.73 -8.59
C GLY D 25 -1.10 21.27 -8.17
N TYR D 26 -0.20 20.49 -8.75
CA TYR D 26 -0.10 19.08 -8.45
C TYR D 26 1.35 18.75 -8.11
N VAL D 27 1.56 17.99 -7.05
CA VAL D 27 2.83 17.34 -6.81
C VAL D 27 2.58 15.86 -7.06
N ASP D 28 3.29 15.31 -8.05
CA ASP D 28 3.06 13.94 -8.51
C ASP D 28 1.58 13.86 -8.88
N ASP D 29 0.80 12.93 -8.32
CA ASP D 29 -0.61 12.79 -8.60
C ASP D 29 -1.50 13.37 -7.50
N THR D 30 -0.93 14.22 -6.64
CA THR D 30 -1.65 14.85 -5.53
C THR D 30 -1.76 16.34 -5.76
N GLN D 31 -2.97 16.87 -5.59
CA GLN D 31 -3.22 18.29 -5.79
C GLN D 31 -3.01 19.00 -4.46
N PHE D 32 -2.20 20.05 -4.46
CA PHE D 32 -1.90 20.73 -3.20
C PHE D 32 -2.36 22.18 -3.10
N VAL D 33 -2.57 22.89 -4.22
CA VAL D 33 -3.02 24.29 -4.19
C VAL D 33 -4.06 24.53 -5.29
N ARG D 34 -4.88 25.56 -5.09
CA ARG D 34 -5.83 25.98 -6.11
C ARG D 34 -5.99 27.50 -6.06
N PHE D 35 -6.17 28.09 -7.24
CA PHE D 35 -6.63 29.46 -7.38
C PHE D 35 -7.81 29.42 -8.35
N ASP D 36 -8.95 29.94 -7.93
CA ASP D 36 -10.11 30.04 -8.81
C ASP D 36 -10.66 31.46 -8.77
N SER D 37 -10.84 32.06 -9.95
CA SER D 37 -11.26 33.44 -10.03
C SER D 37 -12.66 33.66 -9.49
N ASP D 38 -13.53 32.65 -9.59
CA ASP D 38 -14.92 32.81 -9.19
C ASP D 38 -15.18 32.55 -7.72
N ALA D 39 -14.15 32.30 -6.93
CA ALA D 39 -14.38 32.20 -5.49
C ALA D 39 -14.78 33.56 -4.94
N ASP D 40 -15.48 33.55 -3.80
CA ASP D 40 -15.89 34.81 -3.19
C ASP D 40 -14.68 35.68 -2.89
N ASN D 41 -13.60 35.06 -2.44
CA ASN D 41 -12.32 35.74 -2.32
C ASN D 41 -11.29 34.94 -3.09
N PRO D 42 -10.84 35.40 -4.26
CA PRO D 42 -9.95 34.59 -5.08
C PRO D 42 -8.52 34.75 -4.58
N ARG D 43 -7.95 33.64 -4.12
CA ARG D 43 -6.61 33.60 -3.56
C ARG D 43 -6.16 32.15 -3.61
N PHE D 44 -4.86 31.94 -3.59
CA PHE D 44 -4.36 30.58 -3.53
C PHE D 44 -4.78 29.94 -2.21
N GLU D 45 -5.28 28.72 -2.29
CA GLU D 45 -5.80 27.96 -1.18
C GLU D 45 -5.12 26.60 -1.14
N PRO D 46 -4.87 26.06 0.06
CA PRO D 46 -4.33 24.70 0.15
C PRO D 46 -5.41 23.67 -0.19
N ARG D 47 -5.03 22.68 -1.01
CA ARG D 47 -5.88 21.52 -1.29
C ARG D 47 -5.22 20.23 -0.83
N ALA D 48 -4.19 20.33 -0.01
CA ALA D 48 -3.61 19.19 0.67
C ALA D 48 -3.46 19.55 2.14
N PRO D 49 -3.63 18.58 3.04
CA PRO D 49 -3.51 18.90 4.47
C PRO D 49 -2.10 19.31 4.88
N TRP D 50 -1.07 18.74 4.26
CA TRP D 50 0.29 19.12 4.62
C TRP D 50 0.63 20.55 4.26
N MET D 51 -0.18 21.23 3.43
CA MET D 51 0.09 22.61 3.06
C MET D 51 -0.47 23.64 4.04
N GLU D 52 -1.31 23.23 4.99
CA GLU D 52 -1.86 24.16 5.98
C GLU D 52 -0.79 24.70 6.92
N GLN D 53 0.45 24.23 6.82
CA GLN D 53 1.54 24.75 7.62
C GLN D 53 2.09 26.05 7.07
N GLU D 54 1.78 26.40 5.82
CA GLU D 54 2.47 27.48 5.15
C GLU D 54 2.03 28.82 5.72
N GLY D 55 3.00 29.69 5.98
CA GLY D 55 2.72 31.00 6.53
C GLY D 55 2.14 31.94 5.50
N PRO D 56 1.61 33.08 5.97
CA PRO D 56 0.97 34.03 5.05
C PRO D 56 1.87 34.50 3.93
N GLU D 57 3.18 34.65 4.20
CA GLU D 57 4.10 35.17 3.19
C GLU D 57 4.16 34.24 1.98
N TYR D 58 3.99 32.94 2.19
CA TYR D 58 3.86 32.02 1.06
C TYR D 58 2.58 32.29 0.29
N TRP D 59 1.45 32.38 0.99
CA TRP D 59 0.15 32.52 0.33
C TRP D 59 0.01 33.87 -0.37
N GLU D 60 0.51 34.95 0.26
CA GLU D 60 0.40 36.27 -0.36
C GLU D 60 1.24 36.36 -1.62
N GLU D 61 2.45 35.80 -1.60
CA GLU D 61 3.28 35.80 -2.81
C GLU D 61 2.67 34.94 -3.90
N GLN D 62 2.11 33.78 -3.54
CA GLN D 62 1.48 32.93 -4.53
C GLN D 62 0.25 33.60 -5.14
N THR D 63 -0.60 34.21 -4.30
CA THR D 63 -1.79 34.87 -4.79
C THR D 63 -1.44 36.04 -5.71
N GLN D 64 -0.41 36.81 -5.36
CA GLN D 64 -0.03 37.92 -6.21
C GLN D 64 0.41 37.43 -7.59
N ARG D 65 1.23 36.38 -7.63
CA ARG D 65 1.64 35.80 -8.90
C ARG D 65 0.44 35.27 -9.68
N ALA D 66 -0.55 34.72 -8.98
CA ALA D 66 -1.77 34.28 -9.66
C ALA D 66 -2.52 35.48 -10.24
N LYS D 67 -2.67 36.54 -9.45
CA LYS D 67 -3.37 37.75 -9.92
C LYS D 67 -2.61 38.41 -11.06
N SER D 68 -1.27 38.37 -11.00
CA SER D 68 -0.45 38.88 -12.09
C SER D 68 -0.68 38.08 -13.38
N ASP D 69 -0.69 36.75 -13.26
CA ASP D 69 -0.93 35.90 -14.43
C ASP D 69 -2.32 36.10 -15.01
N GLU D 70 -3.29 36.41 -14.16
CA GLU D 70 -4.65 36.66 -14.63
C GLU D 70 -4.68 37.82 -15.62
N GLN D 71 -3.97 38.92 -15.33
CA GLN D 71 -3.89 40.02 -16.28
C GLN D 71 -3.17 39.59 -17.56
N TRP D 72 -2.17 38.71 -17.44
CA TRP D 72 -1.47 38.20 -18.60
C TRP D 72 -2.41 37.47 -19.55
N PHE D 73 -3.27 36.62 -19.00
CA PHE D 73 -4.20 35.87 -19.84
C PHE D 73 -5.32 36.75 -20.36
N ARG D 74 -5.75 37.74 -19.58
CA ARG D 74 -6.75 38.68 -20.08
C ARG D 74 -6.24 39.43 -21.30
N VAL D 75 -4.97 39.86 -21.28
CA VAL D 75 -4.39 40.49 -22.45
C VAL D 75 -4.22 39.48 -23.57
N SER D 76 -3.64 38.32 -23.25
CA SER D 76 -3.31 37.32 -24.26
C SER D 76 -4.56 36.76 -24.94
N LEU D 77 -5.66 36.62 -24.21
CA LEU D 77 -6.92 36.22 -24.83
C LEU D 77 -7.35 37.26 -25.86
N ARG D 78 -7.30 38.54 -25.46
CA ARG D 78 -7.64 39.63 -26.37
C ARG D 78 -6.71 39.65 -27.58
N THR D 79 -5.40 39.50 -27.33
CA THR D 79 -4.45 39.47 -28.43
C THR D 79 -4.74 38.33 -29.39
N ALA D 80 -5.06 37.14 -28.86
CA ALA D 80 -5.34 36.00 -29.72
C ALA D 80 -6.61 36.21 -30.53
N GLN D 81 -7.71 36.59 -29.87
CA GLN D 81 -8.98 36.73 -30.56
C GLN D 81 -8.88 37.71 -31.72
N ARG D 82 -8.14 38.81 -31.52
CA ARG D 82 -8.00 39.80 -32.59
C ARG D 82 -7.16 39.25 -33.73
N TYR D 83 -6.10 38.52 -33.41
CA TYR D 83 -5.25 37.99 -34.48
C TYR D 83 -5.99 36.98 -35.34
N TYR D 84 -6.74 36.08 -34.71
CA TYR D 84 -7.48 35.04 -35.40
C TYR D 84 -8.74 35.54 -36.09
N ASN D 85 -9.07 36.82 -35.96
CA ASN D 85 -10.25 37.42 -36.57
C ASN D 85 -11.54 36.77 -36.05
N GLN D 86 -11.50 36.31 -34.81
CA GLN D 86 -12.64 35.69 -34.17
C GLN D 86 -13.69 36.73 -33.75
N SER D 87 -14.94 36.28 -33.68
CA SER D 87 -16.03 37.15 -33.23
C SER D 87 -15.80 37.56 -31.79
N LYS D 88 -16.10 38.83 -31.49
CA LYS D 88 -15.90 39.35 -30.14
C LYS D 88 -16.78 38.63 -29.13
N GLY D 89 -17.98 38.21 -29.55
CA GLY D 89 -18.88 37.50 -28.64
C GLY D 89 -18.36 36.14 -28.20
N GLY D 90 -17.54 35.50 -29.04
CA GLY D 90 -17.14 34.13 -28.77
C GLY D 90 -16.27 33.98 -27.53
N SER D 91 -16.60 32.97 -26.73
CA SER D 91 -15.78 32.54 -25.60
C SER D 91 -14.59 31.72 -26.09
N HIS D 92 -13.42 31.97 -25.51
CA HIS D 92 -12.22 31.24 -25.92
C HIS D 92 -11.39 30.88 -24.71
N THR D 93 -10.64 29.79 -24.84
CA THR D 93 -9.89 29.21 -23.74
C THR D 93 -8.40 29.26 -24.03
N PHE D 94 -7.65 29.71 -23.03
CA PHE D 94 -6.19 29.64 -23.04
C PHE D 94 -5.79 28.71 -21.91
N GLN D 95 -4.94 27.75 -22.22
CA GLN D 95 -4.48 26.76 -21.26
C GLN D 95 -2.96 26.85 -21.18
N ARG D 96 -2.44 26.71 -19.97
CA ARG D 96 -1.01 26.71 -19.74
C ARG D 96 -0.64 25.61 -18.76
N MET D 97 0.37 24.83 -19.10
CA MET D 97 0.91 23.82 -18.20
C MET D 97 2.41 24.08 -18.06
N PHE D 98 2.86 24.24 -16.82
CA PHE D 98 4.29 24.43 -16.56
C PHE D 98 4.68 23.72 -15.28
N GLY D 99 5.94 23.32 -15.19
CA GLY D 99 6.42 22.64 -14.02
C GLY D 99 7.79 22.03 -14.25
N CYS D 100 8.19 21.17 -13.33
CA CYS D 100 9.50 20.53 -13.39
C CYS D 100 9.41 19.09 -12.91
N ASP D 101 10.32 18.27 -13.44
CA ASP D 101 10.49 16.87 -13.08
C ASP D 101 11.88 16.69 -12.50
N VAL D 102 11.99 16.01 -11.36
CA VAL D 102 13.28 15.75 -10.74
C VAL D 102 13.56 14.26 -10.80
N GLY D 103 14.84 13.91 -10.86
CA GLY D 103 15.27 12.53 -10.94
C GLY D 103 15.44 11.88 -9.58
N SER D 104 16.06 10.69 -9.60
CA SER D 104 16.44 10.00 -8.37
C SER D 104 17.14 10.93 -7.38
N ASP D 105 18.15 11.66 -7.85
CA ASP D 105 18.89 12.60 -7.01
C ASP D 105 18.07 13.79 -6.54
N TRP D 106 16.87 14.00 -7.09
CA TRP D 106 16.01 15.12 -6.76
C TRP D 106 16.57 16.39 -7.39
N ARG D 107 17.33 16.22 -8.47
CA ARG D 107 17.73 17.32 -9.33
C ARG D 107 16.89 17.28 -10.61
N LEU D 108 16.77 18.44 -11.25
CA LEU D 108 15.83 18.61 -12.35
C LEU D 108 16.06 17.59 -13.45
N LEU D 109 14.97 16.97 -13.91
CA LEU D 109 14.98 16.06 -15.04
C LEU D 109 14.48 16.73 -16.33
N ARG D 110 13.36 17.42 -16.26
CA ARG D 110 12.83 18.14 -17.42
C ARG D 110 11.99 19.31 -16.91
N GLY D 111 11.99 20.38 -17.69
CA GLY D 111 11.19 21.56 -17.38
C GLY D 111 10.15 21.74 -18.46
N TYR D 112 8.94 22.12 -18.05
CA TYR D 112 7.80 22.24 -18.94
C TYR D 112 7.26 23.66 -18.91
N HIS D 113 7.02 24.23 -20.09
CA HIS D 113 6.26 25.47 -20.21
C HIS D 113 5.52 25.43 -21.54
N GLN D 114 4.21 25.14 -21.50
CA GLN D 114 3.44 24.83 -22.70
C GLN D 114 2.09 25.54 -22.66
N PHE D 115 1.60 25.90 -23.84
CA PHE D 115 0.36 26.65 -23.99
C PHE D 115 -0.54 25.99 -25.03
N ALA D 116 -1.85 26.05 -24.80
CA ALA D 116 -2.84 25.62 -25.78
C ALA D 116 -3.92 26.68 -25.90
N TYR D 117 -4.28 27.02 -27.13
CA TYR D 117 -5.35 27.97 -27.41
C TYR D 117 -6.54 27.24 -28.02
N ASP D 118 -7.71 27.38 -27.41
CA ASP D 118 -8.92 26.72 -27.87
C ASP D 118 -8.73 25.22 -27.98
N GLY D 119 -7.99 24.65 -27.04
CA GLY D 119 -7.80 23.22 -26.96
C GLY D 119 -6.79 22.64 -27.93
N ARG D 120 -6.08 23.48 -28.68
CA ARG D 120 -5.04 23.03 -29.60
C ARG D 120 -3.69 23.52 -29.12
N ASP D 121 -2.66 22.72 -29.37
CA ASP D 121 -1.28 23.17 -29.15
C ASP D 121 -1.09 24.56 -29.74
N TYR D 122 -0.45 25.45 -28.97
CA TYR D 122 -0.10 26.77 -29.48
C TYR D 122 1.41 26.92 -29.50
N ILE D 123 2.06 27.06 -28.36
CA ILE D 123 3.51 27.19 -28.27
C ILE D 123 3.96 26.41 -27.04
N ALA D 124 5.11 25.76 -27.16
CA ALA D 124 5.67 24.99 -26.06
C ALA D 124 7.16 25.22 -26.02
N LEU D 125 7.69 25.32 -24.80
CA LEU D 125 9.14 25.42 -24.63
C LEU D 125 9.74 24.04 -24.81
N ASN D 126 10.82 23.96 -25.59
CA ASN D 126 11.44 22.67 -25.85
C ASN D 126 12.23 22.22 -24.62
N GLU D 127 12.65 20.95 -24.67
CA GLU D 127 13.38 20.34 -23.57
C GLU D 127 14.69 21.06 -23.27
N ASP D 128 15.29 21.74 -24.25
CA ASP D 128 16.50 22.51 -24.01
C ASP D 128 16.25 23.66 -23.06
N LEU D 129 15.01 24.15 -23.00
CA LEU D 129 14.58 25.27 -22.18
C LEU D 129 15.07 26.60 -22.75
N LYS D 130 15.51 26.59 -24.01
CA LYS D 130 16.01 27.80 -24.66
C LYS D 130 15.24 28.17 -25.93
N THR D 131 14.57 27.22 -26.57
CA THR D 131 13.92 27.45 -27.86
C THR D 131 12.47 27.00 -27.79
N TRP D 132 11.66 27.50 -28.73
CA TRP D 132 10.23 27.25 -28.75
C TRP D 132 9.81 26.47 -29.98
N THR D 133 8.74 25.69 -29.82
CA THR D 133 8.09 24.99 -30.92
C THR D 133 6.72 25.64 -31.13
N ALA D 134 6.46 26.08 -32.35
CA ALA D 134 5.23 26.77 -32.71
C ALA D 134 4.28 25.81 -33.41
N ALA D 135 3.02 25.78 -32.97
CA ALA D 135 2.03 24.91 -33.58
C ALA D 135 1.47 25.47 -34.89
N ASP D 136 1.23 26.77 -34.97
CA ASP D 136 0.58 27.36 -36.14
C ASP D 136 1.29 28.65 -36.51
N THR D 137 0.73 29.38 -37.48
CA THR D 137 1.33 30.63 -37.92
C THR D 137 1.33 31.67 -36.81
N ALA D 138 0.25 31.71 -36.01
CA ALA D 138 0.18 32.67 -34.91
C ALA D 138 1.28 32.44 -33.88
N ALA D 139 1.52 31.18 -33.53
CA ALA D 139 2.56 30.85 -32.56
C ALA D 139 3.94 31.19 -33.10
N LEU D 140 4.13 31.13 -34.42
CA LEU D 140 5.42 31.52 -34.99
C LEU D 140 5.69 33.01 -34.76
N ILE D 141 4.64 33.82 -34.70
CA ILE D 141 4.76 35.23 -34.33
C ILE D 141 5.07 35.36 -32.83
N THR D 142 4.36 34.59 -31.99
CA THR D 142 4.71 34.58 -30.58
C THR D 142 6.15 34.15 -30.37
N ARG D 143 6.61 33.19 -31.18
CA ARG D 143 7.96 32.66 -31.00
C ARG D 143 9.02 33.70 -31.33
N ARG D 144 8.84 34.45 -32.43
CA ARG D 144 9.82 35.47 -32.78
C ARG D 144 9.88 36.56 -31.71
N LYS D 145 8.73 36.91 -31.15
CA LYS D 145 8.70 37.91 -30.09
C LYS D 145 9.41 37.39 -28.84
N TRP D 146 9.10 36.15 -28.44
CA TRP D 146 9.70 35.57 -27.24
C TRP D 146 11.19 35.29 -27.42
N GLU D 147 11.62 35.01 -28.65
CA GLU D 147 13.03 34.84 -28.93
C GLU D 147 13.80 36.15 -28.70
N GLN D 148 13.31 37.25 -29.28
CA GLN D 148 13.99 38.53 -29.11
C GLN D 148 13.96 39.01 -27.66
N ALA D 149 12.79 38.91 -27.03
CA ALA D 149 12.66 39.38 -25.66
C ALA D 149 13.47 38.54 -24.67
N GLY D 150 13.78 37.30 -25.01
CA GLY D 150 14.48 36.43 -24.09
C GLY D 150 13.58 35.78 -23.05
N ASP D 151 12.32 35.49 -23.41
CA ASP D 151 11.41 34.89 -22.44
C ASP D 151 11.89 33.54 -21.95
N ALA D 152 12.56 32.77 -22.82
CA ALA D 152 13.01 31.44 -22.44
C ALA D 152 13.94 31.51 -21.22
N GLU D 153 14.77 32.54 -21.16
CA GLU D 153 15.66 32.68 -20.01
C GLU D 153 14.87 33.00 -18.74
N TYR D 154 13.80 33.78 -18.88
CA TYR D 154 12.94 34.10 -17.72
C TYR D 154 12.26 32.87 -17.16
N TYR D 155 11.73 31.99 -18.02
CA TYR D 155 11.07 30.78 -17.52
C TYR D 155 12.07 29.72 -17.08
N ARG D 156 13.16 29.54 -17.82
CA ARG D 156 14.15 28.53 -17.43
C ARG D 156 14.72 28.81 -16.05
N ALA D 157 14.94 30.08 -15.71
CA ALA D 157 15.49 30.43 -14.42
C ALA D 157 14.60 29.95 -13.28
N TYR D 158 13.28 30.02 -13.46
CA TYR D 158 12.36 29.49 -12.45
C TYR D 158 12.39 27.96 -12.44
N LEU D 159 12.20 27.35 -13.62
CA LEU D 159 12.17 25.89 -13.72
C LEU D 159 13.41 25.27 -13.13
N GLU D 160 14.58 25.85 -13.41
CA GLU D 160 15.84 25.36 -12.88
C GLU D 160 16.05 25.75 -11.42
N GLY D 161 15.36 26.76 -10.91
CA GLY D 161 15.58 27.15 -9.53
C GLY D 161 14.42 26.95 -8.59
N GLU D 162 13.47 27.89 -8.58
CA GLU D 162 12.36 27.84 -7.63
C GLU D 162 11.53 26.57 -7.77
N CYS D 163 11.31 26.11 -9.01
CA CYS D 163 10.46 24.95 -9.23
C CYS D 163 11.04 23.71 -8.54
N VAL D 164 12.32 23.44 -8.75
CA VAL D 164 12.94 22.26 -8.13
C VAL D 164 13.07 22.46 -6.64
N GLU D 165 13.47 23.67 -6.22
CA GLU D 165 13.63 23.96 -4.79
C GLU D 165 12.33 23.76 -4.04
N TRP D 166 11.22 24.23 -4.61
CA TRP D 166 9.91 24.08 -3.97
C TRP D 166 9.37 22.66 -4.11
N LEU D 167 9.73 21.94 -5.17
CA LEU D 167 9.34 20.53 -5.26
C LEU D 167 9.94 19.73 -4.11
N ARG D 168 11.24 19.89 -3.88
CA ARG D 168 11.88 19.21 -2.75
C ARG D 168 11.27 19.64 -1.42
N ARG D 169 10.88 20.90 -1.29
CA ARG D 169 10.28 21.39 -0.05
C ARG D 169 8.90 20.80 0.16
N TYR D 170 8.08 20.82 -0.89
CA TYR D 170 6.77 20.16 -0.84
C TYR D 170 6.91 18.69 -0.48
N LEU D 171 7.92 18.02 -1.03
CA LEU D 171 8.18 16.63 -0.65
C LEU D 171 8.54 16.52 0.82
N GLU D 172 9.24 17.50 1.37
CA GLU D 172 9.53 17.48 2.79
C GLU D 172 8.25 17.66 3.63
N LEU D 173 7.38 18.59 3.24
CA LEU D 173 6.19 18.86 4.05
C LEU D 173 5.22 17.69 4.04
N GLY D 174 5.00 17.07 2.88
CA GLY D 174 4.05 15.97 2.78
C GLY D 174 4.73 14.62 2.67
N ASN D 175 5.94 14.50 3.22
CA ASN D 175 6.76 13.32 3.00
C ASN D 175 6.08 12.02 3.39
N GLU D 176 5.47 11.99 4.59
CA GLU D 176 4.87 10.74 5.08
C GLU D 176 3.76 10.21 4.19
N THR D 177 3.10 11.06 3.39
CA THR D 177 2.06 10.62 2.47
C THR D 177 2.47 10.64 1.00
N LEU D 178 3.20 11.67 0.55
CA LEU D 178 3.54 11.81 -0.86
C LEU D 178 4.48 10.70 -1.34
N LEU D 179 5.44 10.30 -0.51
CA LEU D 179 6.39 9.27 -0.89
C LEU D 179 5.85 7.85 -0.74
N ARG D 180 4.69 7.69 -0.12
CA ARG D 180 4.06 6.37 -0.03
C ARG D 180 3.57 5.90 -1.39
N THR D 181 3.56 4.58 -1.58
CA THR D 181 2.87 3.95 -2.70
C THR D 181 1.81 3.02 -2.12
N ASP D 182 0.66 2.98 -2.75
CA ASP D 182 -0.36 1.99 -2.40
C ASP D 182 -0.45 1.01 -3.58
N SER D 183 -0.02 -0.23 -3.33
CA SER D 183 -0.12 -1.27 -4.35
C SER D 183 -1.59 -1.53 -4.67
N PRO D 184 -1.93 -1.79 -5.92
CA PRO D 184 -3.33 -2.05 -6.26
C PRO D 184 -3.85 -3.32 -5.61
N LYS D 185 -5.08 -3.25 -5.12
CA LYS D 185 -5.84 -4.42 -4.68
C LYS D 185 -6.58 -4.92 -5.91
N ALA D 186 -6.10 -6.03 -6.48
CA ALA D 186 -6.54 -6.51 -7.78
C ALA D 186 -7.31 -7.82 -7.63
N HIS D 187 -8.36 -7.96 -8.44
CA HIS D 187 -9.11 -9.22 -8.50
C HIS D 187 -9.74 -9.33 -9.88
N VAL D 188 -10.11 -10.55 -10.24
CA VAL D 188 -10.75 -10.84 -11.52
C VAL D 188 -12.22 -11.16 -11.25
N THR D 189 -13.11 -10.53 -12.01
CA THR D 189 -14.53 -10.81 -11.90
C THR D 189 -14.98 -11.51 -13.18
N TYR D 190 -15.91 -12.43 -13.03
CA TYR D 190 -16.39 -13.27 -14.12
C TYR D 190 -17.86 -12.98 -14.34
N HIS D 191 -18.21 -12.46 -15.51
CA HIS D 191 -19.60 -12.19 -15.86
C HIS D 191 -19.94 -12.87 -17.17
N PRO D 192 -20.89 -13.81 -17.21
CA PRO D 192 -21.17 -14.53 -18.45
C PRO D 192 -22.05 -13.70 -19.38
N ARG D 193 -21.39 -13.06 -20.34
CA ARG D 193 -22.03 -12.11 -21.24
C ARG D 193 -23.11 -12.77 -22.11
N SER D 194 -22.86 -13.97 -22.59
CA SER D 194 -23.81 -14.66 -23.47
C SER D 194 -23.95 -16.10 -23.04
N GLN D 195 -24.48 -16.94 -23.95
CA GLN D 195 -24.43 -18.39 -23.81
C GLN D 195 -23.22 -19.00 -24.49
N VAL D 196 -22.49 -18.21 -25.28
CA VAL D 196 -21.27 -18.68 -25.92
C VAL D 196 -20.01 -18.10 -25.26
N ASP D 197 -20.07 -16.89 -24.70
CA ASP D 197 -18.87 -16.23 -24.21
C ASP D 197 -19.12 -15.59 -22.85
N VAL D 198 -18.00 -15.21 -22.23
CA VAL D 198 -17.97 -14.55 -20.93
C VAL D 198 -17.03 -13.35 -21.00
N THR D 199 -17.35 -12.32 -20.21
CA THR D 199 -16.50 -11.15 -20.07
C THR D 199 -15.72 -11.28 -18.77
N LEU D 200 -14.39 -11.22 -18.87
CA LEU D 200 -13.52 -11.23 -17.71
C LEU D 200 -13.01 -9.82 -17.47
N ARG D 201 -13.21 -9.32 -16.26
CA ARG D 201 -12.82 -7.98 -15.88
C ARG D 201 -11.76 -8.03 -14.79
N CYS D 202 -10.60 -7.45 -15.07
CA CYS D 202 -9.52 -7.36 -14.11
C CYS D 202 -9.54 -5.99 -13.46
N TRP D 203 -9.68 -5.95 -12.14
CA TRP D 203 -9.79 -4.70 -11.41
C TRP D 203 -8.46 -4.39 -10.75
N ALA D 204 -8.11 -3.10 -10.74
CA ALA D 204 -7.04 -2.59 -9.87
C ALA D 204 -7.61 -1.41 -9.11
N LEU D 205 -7.63 -1.51 -7.79
CA LEU D 205 -8.31 -0.51 -6.98
C LEU D 205 -7.39 0.02 -5.90
N GLY D 206 -7.70 1.24 -5.47
CA GLY D 206 -7.01 1.88 -4.36
C GLY D 206 -5.51 1.97 -4.48
N PHE D 207 -4.98 2.37 -5.63
CA PHE D 207 -3.54 2.40 -5.84
C PHE D 207 -3.07 3.84 -6.02
N TYR D 208 -1.89 4.12 -5.48
CA TYR D 208 -1.19 5.37 -5.71
C TYR D 208 0.31 5.07 -5.83
N PRO D 209 1.01 5.67 -6.80
CA PRO D 209 0.62 6.70 -7.78
C PRO D 209 -0.32 6.21 -8.89
N ALA D 210 -0.76 7.14 -9.74
CA ALA D 210 -1.77 6.86 -10.77
C ALA D 210 -1.27 5.94 -11.88
N ASP D 211 0.02 6.01 -12.24
CA ASP D 211 0.53 5.19 -13.33
C ASP D 211 0.41 3.71 -13.02
N ILE D 212 -0.15 2.94 -13.97
CA ILE D 212 -0.33 1.50 -13.80
C ILE D 212 -0.39 0.87 -15.18
N THR D 213 -0.11 -0.43 -15.25
CA THR D 213 -0.24 -1.22 -16.47
C THR D 213 -1.17 -2.41 -16.22
N LEU D 214 -2.26 -2.48 -16.97
CA LEU D 214 -3.20 -3.60 -16.92
C LEU D 214 -3.27 -4.24 -18.29
N THR D 215 -2.95 -5.54 -18.37
CA THR D 215 -2.95 -6.29 -19.62
C THR D 215 -3.51 -7.68 -19.36
N TRP D 216 -4.30 -8.20 -20.31
CA TRP D 216 -4.88 -9.53 -20.17
C TRP D 216 -4.14 -10.67 -20.88
N GLN D 217 -3.25 -10.39 -21.83
CA GLN D 217 -2.30 -11.38 -22.35
C GLN D 217 -2.79 -12.83 -22.41
N LEU D 218 -3.20 -13.32 -23.57
CA LEU D 218 -3.58 -14.72 -23.68
C LEU D 218 -2.42 -15.53 -24.23
N ASN D 219 -2.19 -16.70 -23.63
CA ASN D 219 -1.14 -17.62 -24.07
C ASN D 219 0.22 -16.92 -24.15
N GLY D 220 0.31 -15.71 -23.63
CA GLY D 220 1.51 -14.91 -23.77
C GLY D 220 1.39 -14.03 -24.99
N GLU D 221 0.38 -13.16 -25.00
CA GLU D 221 0.13 -12.28 -26.13
C GLU D 221 0.57 -10.85 -25.87
N ASP D 222 1.39 -10.62 -24.85
CA ASP D 222 1.90 -9.30 -24.48
C ASP D 222 0.76 -8.34 -24.13
N LEU D 223 -0.33 -8.40 -24.89
CA LEU D 223 -1.55 -7.67 -24.66
C LEU D 223 -2.66 -8.36 -25.45
N THR D 224 -3.85 -7.77 -25.47
CA THR D 224 -5.00 -8.36 -26.14
C THR D 224 -5.56 -7.37 -27.15
N GLN D 225 -5.99 -7.90 -28.30
CA GLN D 225 -6.50 -7.08 -29.39
C GLN D 225 -7.90 -6.58 -29.10
N ASP D 226 -8.76 -7.39 -28.51
CA ASP D 226 -10.13 -7.00 -28.22
C ASP D 226 -10.26 -7.00 -26.70
N MET D 227 -9.95 -5.86 -26.10
CA MET D 227 -10.03 -5.70 -24.65
C MET D 227 -10.52 -4.29 -24.36
N GLU D 228 -11.49 -4.18 -23.45
CA GLU D 228 -11.98 -2.86 -23.05
C GLU D 228 -11.15 -2.37 -21.88
N LEU D 229 -10.51 -1.22 -22.05
CA LEU D 229 -9.69 -0.61 -21.02
C LEU D 229 -10.27 0.76 -20.71
N VAL D 230 -10.69 0.97 -19.47
CA VAL D 230 -11.19 2.27 -19.07
C VAL D 230 -10.04 3.14 -18.58
N GLU D 231 -10.25 4.45 -18.69
CA GLU D 231 -9.30 5.43 -18.21
C GLU D 231 -9.12 5.30 -16.70
N THR D 232 -7.89 5.48 -16.24
CA THR D 232 -7.65 5.50 -14.81
C THR D 232 -8.44 6.64 -14.17
N ARG D 233 -9.17 6.33 -13.10
CA ARG D 233 -10.11 7.25 -12.50
C ARG D 233 -9.81 7.46 -11.01
N PRO D 234 -10.08 8.65 -10.48
CA PRO D 234 -9.84 8.90 -9.05
C PRO D 234 -10.94 8.33 -8.17
N ALA D 235 -10.53 7.65 -7.09
CA ALA D 235 -11.48 7.23 -6.06
C ALA D 235 -11.98 8.38 -5.20
N GLY D 236 -11.21 9.46 -5.11
CA GLY D 236 -11.57 10.59 -4.28
C GLY D 236 -10.90 10.63 -2.92
N ASP D 237 -10.16 9.59 -2.56
CA ASP D 237 -9.42 9.53 -1.30
C ASP D 237 -7.92 9.65 -1.52
N GLY D 238 -7.50 10.03 -2.72
CA GLY D 238 -6.11 10.08 -3.12
C GLY D 238 -5.62 8.83 -3.83
N THR D 239 -6.46 7.81 -3.97
CA THR D 239 -6.11 6.59 -4.69
C THR D 239 -6.96 6.49 -5.96
N PHE D 240 -6.53 5.61 -6.87
CA PHE D 240 -7.11 5.51 -8.20
C PHE D 240 -7.60 4.10 -8.49
N GLN D 241 -8.50 3.99 -9.46
CA GLN D 241 -9.02 2.71 -9.92
C GLN D 241 -8.91 2.59 -11.44
N LYS D 242 -8.68 1.36 -11.90
CA LYS D 242 -8.67 1.03 -13.33
C LYS D 242 -9.09 -0.43 -13.50
N TRP D 243 -9.69 -0.74 -14.65
CA TRP D 243 -10.01 -2.14 -14.94
C TRP D 243 -9.83 -2.42 -16.43
N ALA D 244 -9.53 -3.69 -16.72
CA ALA D 244 -9.37 -4.19 -18.09
C ALA D 244 -10.26 -5.41 -18.27
N ALA D 245 -10.98 -5.46 -19.38
CA ALA D 245 -11.94 -6.52 -19.63
C ALA D 245 -11.67 -7.18 -20.98
N VAL D 246 -11.92 -8.49 -21.04
CA VAL D 246 -11.84 -9.25 -22.27
C VAL D 246 -13.06 -10.14 -22.36
N VAL D 247 -13.47 -10.43 -23.59
CA VAL D 247 -14.56 -11.36 -23.87
C VAL D 247 -13.93 -12.61 -24.45
N VAL D 248 -14.16 -13.74 -23.80
CA VAL D 248 -13.43 -14.98 -24.10
C VAL D 248 -14.44 -16.10 -24.26
N PRO D 249 -14.08 -17.15 -24.99
CA PRO D 249 -15.02 -18.27 -25.15
C PRO D 249 -15.24 -18.98 -23.83
N LEU D 250 -16.45 -19.50 -23.66
CA LEU D 250 -16.77 -20.23 -22.44
C LEU D 250 -15.91 -21.50 -22.35
N GLY D 251 -15.39 -21.75 -21.16
CA GLY D 251 -14.50 -22.87 -20.89
C GLY D 251 -13.02 -22.63 -21.14
N LYS D 252 -12.63 -21.49 -21.69
CA LYS D 252 -11.22 -21.17 -21.88
C LYS D 252 -10.76 -20.01 -21.00
N GLU D 253 -11.55 -19.64 -19.99
CA GLU D 253 -11.23 -18.50 -19.14
C GLU D 253 -9.90 -18.67 -18.42
N GLN D 254 -9.52 -19.90 -18.07
CA GLN D 254 -8.33 -20.10 -17.26
C GLN D 254 -7.04 -19.94 -18.05
N ASN D 255 -7.12 -19.86 -19.38
CA ASN D 255 -5.93 -19.52 -20.16
C ASN D 255 -5.55 -18.06 -20.01
N TYR D 256 -6.53 -17.19 -19.78
CA TYR D 256 -6.27 -15.76 -19.70
C TYR D 256 -5.78 -15.38 -18.32
N THR D 257 -4.76 -14.54 -18.28
CA THR D 257 -4.18 -14.03 -17.04
C THR D 257 -4.12 -12.52 -17.10
N CYS D 258 -4.35 -11.88 -15.96
CA CYS D 258 -4.26 -10.43 -15.89
C CYS D 258 -2.96 -10.07 -15.19
N HIS D 259 -2.23 -9.12 -15.76
CA HIS D 259 -0.94 -8.70 -15.23
C HIS D 259 -1.04 -7.26 -14.78
N VAL D 260 -0.51 -6.97 -13.59
CA VAL D 260 -0.56 -5.64 -13.01
C VAL D 260 0.85 -5.17 -12.70
N HIS D 261 1.22 -4.01 -13.24
CA HIS D 261 2.48 -3.34 -12.94
C HIS D 261 2.17 -2.02 -12.26
N HIS D 262 2.85 -1.76 -11.16
CA HIS D 262 2.63 -0.56 -10.37
C HIS D 262 3.93 -0.25 -9.64
N LYS D 263 4.05 1.00 -9.19
CA LYS D 263 5.22 1.40 -8.42
C LYS D 263 5.28 0.66 -7.10
N GLY D 264 4.13 0.34 -6.52
CA GLY D 264 4.09 -0.41 -5.28
C GLY D 264 4.50 -1.87 -5.40
N LEU D 265 4.36 -2.46 -6.59
CA LEU D 265 4.63 -3.88 -6.73
C LEU D 265 6.03 -4.13 -7.28
N PRO D 266 6.96 -4.66 -6.49
CA PRO D 266 8.29 -5.00 -7.04
C PRO D 266 8.20 -6.06 -8.12
N GLU D 267 7.27 -6.98 -7.99
CA GLU D 267 6.98 -8.00 -8.97
C GLU D 267 5.56 -7.83 -9.50
N PRO D 268 5.33 -8.06 -10.79
CA PRO D 268 3.99 -7.89 -11.34
C PRO D 268 3.00 -8.90 -10.81
N LEU D 269 1.75 -8.47 -10.69
CA LEU D 269 0.68 -9.38 -10.32
C LEU D 269 0.31 -10.24 -11.52
N THR D 270 -0.01 -11.50 -11.25
CA THR D 270 -0.59 -12.39 -12.25
C THR D 270 -1.91 -12.90 -11.70
N LEU D 271 -3.01 -12.60 -12.38
CA LEU D 271 -4.34 -12.89 -11.89
C LEU D 271 -5.03 -13.85 -12.83
N ARG D 272 -5.77 -14.78 -12.26
CA ARG D 272 -6.51 -15.78 -13.03
C ARG D 272 -7.88 -15.92 -12.41
N TRP D 273 -8.82 -16.44 -13.19
CA TRP D 273 -10.16 -16.63 -12.66
C TRP D 273 -10.26 -18.03 -12.06
N LYS D 274 -10.87 -18.10 -10.86
CA LYS D 274 -11.11 -19.34 -10.13
C LYS D 274 -12.51 -19.32 -9.51
N PRO D 275 -13.42 -20.20 -9.95
CA PRO D 275 -14.83 -20.22 -9.53
C PRO D 275 -15.11 -21.10 -8.32
N MET E 1 -10.37 25.94 -32.42
CA MET E 1 -11.39 25.62 -31.42
C MET E 1 -11.71 24.13 -31.48
N ILE E 2 -10.93 23.33 -30.74
CA ILE E 2 -11.24 21.91 -30.65
C ILE E 2 -12.46 21.71 -29.78
N GLN E 3 -13.30 20.75 -30.14
CA GLN E 3 -14.44 20.36 -29.33
C GLN E 3 -14.33 18.86 -29.10
N ARG E 4 -14.21 18.46 -27.84
CA ARG E 4 -14.05 17.06 -27.49
C ARG E 4 -15.20 16.63 -26.60
N THR E 5 -15.90 15.56 -26.98
CA THR E 5 -16.99 15.15 -26.12
C THR E 5 -16.45 14.41 -24.90
N PRO E 6 -17.15 14.48 -23.77
CA PRO E 6 -16.61 13.91 -22.52
C PRO E 6 -16.86 12.43 -22.38
N LYS E 7 -15.82 11.74 -21.92
CA LYS E 7 -15.96 10.39 -21.40
C LYS E 7 -16.59 10.47 -20.01
N ILE E 8 -17.52 9.56 -19.71
CA ILE E 8 -18.24 9.59 -18.45
C ILE E 8 -18.15 8.23 -17.77
N GLN E 9 -17.69 8.22 -16.52
CA GLN E 9 -17.60 7.01 -15.71
C GLN E 9 -18.35 7.22 -14.41
N VAL E 10 -19.31 6.35 -14.13
CA VAL E 10 -20.07 6.36 -12.87
C VAL E 10 -19.70 5.11 -12.09
N TYR E 11 -19.19 5.31 -10.88
CA TYR E 11 -18.64 4.22 -10.09
C TYR E 11 -18.64 4.65 -8.63
N SER E 12 -18.39 3.68 -7.75
CA SER E 12 -18.32 3.91 -6.32
C SER E 12 -16.88 3.90 -5.83
N ARG E 13 -16.64 4.63 -4.73
CA ARG E 13 -15.32 4.68 -4.12
C ARG E 13 -14.86 3.32 -3.66
N HIS E 14 -15.73 2.59 -2.96
CA HIS E 14 -15.46 1.27 -2.44
C HIS E 14 -16.46 0.28 -3.01
N PRO E 15 -16.18 -1.02 -2.92
CA PRO E 15 -17.13 -2.02 -3.41
C PRO E 15 -18.50 -1.83 -2.76
N ALA E 16 -19.53 -1.77 -3.60
CA ALA E 16 -20.87 -1.46 -3.15
C ALA E 16 -21.47 -2.63 -2.38
N GLU E 17 -21.96 -2.36 -1.17
CA GLU E 17 -22.65 -3.33 -0.35
C GLU E 17 -23.92 -2.68 0.17
N ASN E 18 -25.03 -3.41 0.13
CA ASN E 18 -26.32 -2.83 0.49
C ASN E 18 -26.29 -2.36 1.93
N GLY E 19 -26.79 -1.15 2.16
CA GLY E 19 -26.85 -0.60 3.50
C GLY E 19 -25.54 -0.05 4.02
N LYS E 20 -24.48 -0.10 3.22
CA LYS E 20 -23.17 0.40 3.61
C LYS E 20 -22.91 1.71 2.90
N SER E 21 -22.59 2.74 3.67
CA SER E 21 -22.37 4.06 3.11
C SER E 21 -21.12 4.08 2.26
N ASN E 22 -21.18 4.81 1.15
CA ASN E 22 -20.13 4.83 0.15
C ASN E 22 -20.16 6.19 -0.54
N PHE E 23 -19.30 6.37 -1.53
CA PHE E 23 -19.27 7.59 -2.33
C PHE E 23 -19.60 7.27 -3.78
N LEU E 24 -20.55 8.02 -4.34
CA LEU E 24 -20.88 7.92 -5.76
C LEU E 24 -20.01 8.89 -6.54
N ASN E 25 -19.31 8.37 -7.55
CA ASN E 25 -18.34 9.15 -8.33
C ASN E 25 -18.80 9.23 -9.78
N CYS E 26 -18.82 10.44 -10.33
CA CYS E 26 -18.95 10.66 -11.76
C CYS E 26 -17.68 11.33 -12.25
N TYR E 27 -16.94 10.66 -13.11
CA TYR E 27 -15.69 11.18 -13.62
C TYR E 27 -15.89 11.52 -15.09
N VAL E 28 -15.79 12.81 -15.42
CA VAL E 28 -15.90 13.31 -16.78
C VAL E 28 -14.51 13.76 -17.21
N SER E 29 -14.10 13.33 -18.40
CA SER E 29 -12.74 13.62 -18.84
C SER E 29 -12.69 13.71 -20.35
N GLY E 30 -11.56 14.18 -20.84
CA GLY E 30 -11.30 14.26 -22.27
C GLY E 30 -12.21 15.20 -23.04
N PHE E 31 -12.68 16.27 -22.39
CA PHE E 31 -13.63 17.17 -23.02
C PHE E 31 -13.08 18.57 -23.18
N HIS E 32 -13.48 19.21 -24.28
CA HIS E 32 -13.21 20.61 -24.55
C HIS E 32 -14.42 21.18 -25.30
N PRO E 33 -14.87 22.40 -24.93
CA PRO E 33 -14.34 23.31 -23.92
C PRO E 33 -14.64 22.90 -22.47
N SER E 34 -14.12 23.69 -21.54
CA SER E 34 -14.24 23.40 -20.12
C SER E 34 -15.69 23.46 -19.63
N ASP E 35 -16.51 24.26 -20.29
CA ASP E 35 -17.87 24.48 -19.81
C ASP E 35 -18.64 23.18 -19.86
N ILE E 36 -19.15 22.75 -18.71
CA ILE E 36 -19.83 21.45 -18.61
C ILE E 36 -20.81 21.50 -17.45
N GLU E 37 -21.89 20.73 -17.59
CA GLU E 37 -22.93 20.59 -16.58
C GLU E 37 -22.96 19.13 -16.14
N VAL E 38 -22.73 18.89 -14.85
CA VAL E 38 -22.73 17.53 -14.32
C VAL E 38 -23.66 17.45 -13.10
N ASP E 39 -24.59 16.50 -13.13
CA ASP E 39 -25.51 16.27 -12.02
C ASP E 39 -25.60 14.78 -11.71
N LEU E 40 -25.85 14.48 -10.43
CA LEU E 40 -26.01 13.12 -9.95
C LEU E 40 -27.47 12.88 -9.62
N LEU E 41 -28.03 11.77 -10.11
CA LEU E 41 -29.45 11.49 -10.00
C LEU E 41 -29.68 10.23 -9.18
N LYS E 42 -30.61 10.30 -8.22
CA LYS E 42 -31.09 9.13 -7.50
C LYS E 42 -32.56 8.94 -7.85
N ASN E 43 -32.89 7.81 -8.50
CA ASN E 43 -34.25 7.52 -8.95
C ASN E 43 -34.79 8.60 -9.90
N GLY E 44 -33.90 9.17 -10.70
CA GLY E 44 -34.26 10.11 -11.73
C GLY E 44 -34.29 11.57 -11.32
N GLU E 45 -34.28 11.87 -10.03
CA GLU E 45 -34.22 13.25 -9.59
C GLU E 45 -32.84 13.56 -9.04
N ARG E 46 -32.61 14.82 -8.69
CA ARG E 46 -31.27 15.36 -8.58
C ARG E 46 -30.81 15.41 -7.14
N ILE E 47 -29.66 14.79 -6.88
CA ILE E 47 -29.08 14.74 -5.54
C ILE E 47 -28.39 16.07 -5.25
N GLU E 48 -28.74 16.68 -4.12
CA GLU E 48 -28.11 17.91 -3.68
C GLU E 48 -26.77 17.62 -3.00
N LYS E 49 -25.94 18.65 -2.95
CA LYS E 49 -24.65 18.59 -2.25
C LYS E 49 -23.67 17.62 -2.92
N VAL E 50 -23.60 17.67 -4.25
CA VAL E 50 -22.63 16.88 -5.00
C VAL E 50 -21.37 17.72 -5.14
N GLU E 51 -20.30 17.29 -4.48
CA GLU E 51 -19.03 17.99 -4.56
C GLU E 51 -18.34 17.68 -5.89
N HIS E 52 -17.43 18.56 -6.29
CA HIS E 52 -16.62 18.29 -7.47
C HIS E 52 -15.20 18.79 -7.25
N SER E 53 -14.26 18.17 -7.96
CA SER E 53 -12.86 18.54 -7.86
C SER E 53 -12.62 19.89 -8.55
N ASP E 54 -11.51 20.51 -8.21
CA ASP E 54 -11.10 21.73 -8.89
C ASP E 54 -10.69 21.40 -10.32
N LEU E 55 -11.12 22.25 -11.26
CA LEU E 55 -10.90 21.95 -12.68
C LEU E 55 -9.42 21.84 -13.02
N SER E 56 -9.09 20.79 -13.76
CA SER E 56 -7.74 20.52 -14.24
C SER E 56 -7.86 19.80 -15.56
N PHE E 57 -6.74 19.64 -16.25
CA PHE E 57 -6.78 18.97 -17.53
C PHE E 57 -5.65 17.96 -17.65
N SER E 58 -5.84 16.99 -18.53
CA SER E 58 -4.86 15.94 -18.76
C SER E 58 -3.73 16.45 -19.64
N LYS E 59 -2.91 15.52 -20.13
CA LYS E 59 -1.71 15.86 -20.88
C LYS E 59 -1.99 16.20 -22.34
N ASP E 60 -3.23 16.02 -22.80
CA ASP E 60 -3.64 16.38 -24.15
C ASP E 60 -4.46 17.66 -24.19
N TRP E 61 -4.58 18.35 -23.05
CA TRP E 61 -5.24 19.64 -22.83
C TRP E 61 -6.73 19.43 -22.58
N SER E 62 -7.20 18.19 -22.60
CA SER E 62 -8.61 17.91 -22.38
C SER E 62 -8.90 17.93 -20.88
N PHE E 63 -9.99 18.58 -20.51
CA PHE E 63 -10.34 18.80 -19.11
C PHE E 63 -10.87 17.52 -18.47
N TYR E 64 -10.70 17.43 -17.16
CA TYR E 64 -11.33 16.36 -16.38
C TYR E 64 -11.87 16.91 -15.07
N LEU E 65 -13.01 16.37 -14.65
CA LEU E 65 -13.63 16.71 -13.38
C LEU E 65 -14.17 15.45 -12.73
N LEU E 66 -14.17 15.45 -11.40
CA LEU E 66 -14.77 14.38 -10.62
C LEU E 66 -15.89 14.98 -9.79
N TYR E 67 -17.09 14.42 -9.91
CA TYR E 67 -18.22 14.82 -9.09
C TYR E 67 -18.58 13.69 -8.15
N TYR E 68 -18.71 13.98 -6.86
CA TYR E 68 -18.93 12.92 -5.89
C TYR E 68 -19.94 13.34 -4.83
N THR E 69 -20.69 12.36 -4.36
CA THR E 69 -21.61 12.53 -3.24
C THR E 69 -21.63 11.24 -2.42
N GLU E 70 -22.04 11.38 -1.17
CA GLU E 70 -22.21 10.22 -0.30
C GLU E 70 -23.58 9.59 -0.54
N PHE E 71 -23.59 8.28 -0.77
CA PHE E 71 -24.83 7.54 -0.98
C PHE E 71 -24.71 6.17 -0.32
N THR E 72 -25.87 5.54 -0.12
CA THR E 72 -25.93 4.16 0.35
C THR E 72 -26.51 3.31 -0.76
N PRO E 73 -25.73 2.43 -1.38
CA PRO E 73 -26.29 1.61 -2.46
C PRO E 73 -27.35 0.66 -1.96
N THR E 74 -28.43 0.56 -2.74
CA THR E 74 -29.48 -0.42 -2.53
C THR E 74 -29.97 -0.87 -3.90
N GLU E 75 -30.60 -2.06 -3.94
CA GLU E 75 -30.99 -2.62 -5.24
C GLU E 75 -32.08 -1.80 -5.91
N LYS E 76 -33.02 -1.25 -5.13
CA LYS E 76 -34.17 -0.61 -5.72
C LYS E 76 -33.90 0.82 -6.16
N ASP E 77 -32.91 1.49 -5.60
CA ASP E 77 -32.58 2.86 -5.98
C ASP E 77 -31.60 2.85 -7.15
N GLU E 78 -31.88 3.69 -8.15
CA GLU E 78 -31.07 3.78 -9.35
C GLU E 78 -30.34 5.11 -9.37
N TYR E 79 -29.03 5.06 -9.56
CA TYR E 79 -28.17 6.22 -9.52
C TYR E 79 -27.62 6.47 -10.91
N ALA E 80 -27.55 7.74 -11.29
CA ALA E 80 -27.03 8.08 -12.61
C ALA E 80 -26.27 9.40 -12.52
N CYS E 81 -25.50 9.66 -13.57
CA CYS E 81 -24.82 10.92 -13.78
C CYS E 81 -25.40 11.56 -15.02
N ARG E 82 -25.76 12.83 -14.91
CA ARG E 82 -26.29 13.59 -16.03
C ARG E 82 -25.24 14.59 -16.45
N VAL E 83 -24.86 14.56 -17.73
CA VAL E 83 -23.82 15.42 -18.25
C VAL E 83 -24.39 16.18 -19.43
N ASN E 84 -24.14 17.49 -19.47
CA ASN E 84 -24.51 18.29 -20.62
C ASN E 84 -23.27 19.05 -21.08
N HIS E 85 -23.04 19.03 -22.39
CA HIS E 85 -21.89 19.67 -23.01
C HIS E 85 -22.34 20.28 -24.32
N VAL E 86 -21.55 21.21 -24.83
CA VAL E 86 -21.87 21.79 -26.13
C VAL E 86 -21.90 20.69 -27.18
N THR E 87 -21.08 19.64 -26.99
CA THR E 87 -21.04 18.52 -27.93
C THR E 87 -22.31 17.68 -27.87
N LEU E 88 -22.98 17.63 -26.72
CA LEU E 88 -24.19 16.83 -26.58
C LEU E 88 -25.42 17.63 -27.01
N SER E 89 -26.23 17.04 -27.89
CA SER E 89 -27.48 17.68 -28.31
C SER E 89 -28.44 17.80 -27.14
N GLN E 90 -28.50 16.78 -26.30
CA GLN E 90 -29.34 16.69 -25.12
C GLN E 90 -28.48 16.17 -23.98
N PRO E 91 -28.91 16.37 -22.73
CA PRO E 91 -28.11 15.85 -21.61
C PRO E 91 -27.97 14.34 -21.72
N LYS E 92 -26.78 13.85 -21.43
CA LYS E 92 -26.51 12.42 -21.46
C LYS E 92 -26.62 11.86 -20.05
N ILE E 93 -27.44 10.83 -19.90
CA ILE E 93 -27.65 10.15 -18.62
C ILE E 93 -27.02 8.77 -18.71
N VAL E 94 -26.04 8.53 -17.84
CA VAL E 94 -25.33 7.26 -17.78
C VAL E 94 -25.73 6.58 -16.48
N LYS E 95 -26.31 5.39 -16.59
CA LYS E 95 -26.69 4.65 -15.40
C LYS E 95 -25.46 4.10 -14.70
N TRP E 96 -25.59 3.92 -13.38
CA TRP E 96 -24.50 3.35 -12.59
C TRP E 96 -24.58 1.84 -12.68
N ASP E 97 -23.47 1.23 -13.09
CA ASP E 97 -23.34 -0.22 -13.18
C ASP E 97 -22.35 -0.69 -12.12
N ARG E 98 -22.77 -1.66 -11.30
CA ARG E 98 -21.93 -2.09 -10.19
C ARG E 98 -20.78 -3.01 -10.61
N ASP E 99 -20.77 -3.48 -11.86
CA ASP E 99 -19.64 -4.24 -12.38
C ASP E 99 -18.74 -3.40 -13.28
N MET E 100 -18.76 -2.08 -13.10
CA MET E 100 -17.95 -1.17 -13.91
C MET E 100 -17.47 0.04 -13.10
N TYR F 1 5.02 29.19 -8.12
CA TYR F 1 4.35 29.66 -9.32
C TYR F 1 5.20 30.69 -10.03
N GLN F 2 5.05 30.80 -11.35
CA GLN F 2 5.70 31.84 -12.14
C GLN F 2 4.70 32.45 -13.10
N SER F 3 4.60 33.78 -13.07
CA SER F 3 3.73 34.55 -13.95
C SER F 3 4.38 34.75 -15.31
N GLY F 4 3.54 34.99 -16.31
CA GLY F 4 4.05 35.25 -17.64
C GLY F 4 4.70 36.62 -17.73
N LEU F 5 5.60 36.73 -18.69
CA LEU F 5 6.27 38.00 -18.98
C LEU F 5 5.67 38.58 -20.26
N SER F 6 6.33 38.32 -21.39
CA SER F 6 5.83 38.83 -22.67
C SER F 6 4.45 38.26 -22.96
N ILE F 7 3.62 39.08 -23.60
CA ILE F 7 2.32 38.62 -24.06
C ILE F 7 2.52 37.79 -25.33
N VAL F 8 1.48 37.03 -25.71
CA VAL F 8 1.60 36.16 -26.88
C VAL F 8 1.97 36.96 -28.13
N MET F 9 1.41 38.16 -28.28
CA MET F 9 1.79 39.06 -29.38
C MET F 9 1.75 40.53 -28.93
#